data_5LR0
#
_entry.id   5LR0
#
_cell.length_a   109.699
_cell.length_b   109.699
_cell.length_c   210.461
_cell.angle_alpha   90.000
_cell.angle_beta   90.000
_cell.angle_gamma   90.000
#
_symmetry.space_group_name_H-M   'P 41 21 2'
#
loop_
_entity.id
_entity.type
_entity.pdbx_description
1 polymer 'Botulinum neurotoxin D/C protein'
2 branched 'N-acetyl-alpha-neuraminic acid-(2-3)-beta-D-galactopyranose-(1-3)-2-acetamido-2-deoxy-beta-D-galactopyranose'
3 branched beta-D-galactopyranose-(1-3)-2-acetamido-2-deoxy-beta-D-galactopyranose
4 non-polymer 'N-acetyl-alpha-neuraminic acid'
5 water water
#
_entity_poly.entity_id   1
_entity_poly.type   'polypeptide(L)'
_entity_poly.pdbx_seq_one_letter_code
;MHHHHHHYFSINDSKILSLQNKKNTLMDTSGYNAEVRVEGNVQLNPIFPFDFKLGSSGDDRGKVIVTQNENIVYNAMYES
FSISFWIRINKWVSNLPGYTIIDSVKNNSGWSIGIISNFLVFTLKQNENSEQDINFSYDISKNAAGYNKWFFVTITTNMM
GNMMIYINGKLIDTIKVKELTGINFSKTITFQMNKIPNTGLITSDSDNINMWIRDFYIFAKELDDKDINILFNSLQYTNV
VKDYWGNDLRYDKEYYMINVNYMNRYMSKKGNGIVFNTRKNNNDFNEGYKIIIKRIRGNTNDTRVRGENVLYFNTTIDNK
QYSLGMYKPSRNLGTDLVPLGALDQPMDEIRKYGSFIIQPCNTFDYYASQLFLSSNATTNRLGILSIGSYSFKLGDDYWF
NHEYLIPVIKIEHYASLLESTSTHWVFVPAS
;
_entity_poly.pdbx_strand_id   A,B
#
# COMPACT_ATOMS: atom_id res chain seq x y z
N ILE A 11 5.64 -12.85 37.00
CA ILE A 11 6.38 -13.60 38.05
C ILE A 11 7.49 -14.40 37.38
N ASN A 12 8.74 -14.04 37.69
CA ASN A 12 9.91 -14.68 37.08
C ASN A 12 10.24 -16.12 37.54
N ASP A 13 9.47 -16.71 38.46
CA ASP A 13 9.71 -18.11 38.84
C ASP A 13 9.23 -19.11 37.78
N SER A 14 8.43 -18.64 36.81
CA SER A 14 7.91 -19.48 35.73
C SER A 14 8.70 -19.36 34.41
N LYS A 15 9.71 -18.51 34.39
CA LYS A 15 10.47 -18.23 33.17
C LYS A 15 11.32 -19.45 32.81
N ILE A 16 11.08 -20.03 31.63
CA ILE A 16 11.79 -21.23 31.17
C ILE A 16 12.65 -21.00 29.93
N LEU A 17 12.63 -19.78 29.41
CA LEU A 17 13.56 -19.35 28.37
C LEU A 17 13.71 -17.85 28.45
N SER A 18 14.92 -17.37 28.26
CA SER A 18 15.23 -15.96 28.42
C SER A 18 16.36 -15.55 27.47
N LEU A 19 16.01 -15.22 26.24
CA LEU A 19 17.00 -14.99 25.20
C LEU A 19 17.51 -13.55 25.25
N GLN A 20 18.79 -13.38 25.56
CA GLN A 20 19.38 -12.05 25.78
C GLN A 20 20.80 -11.93 25.27
N ASN A 21 21.16 -10.72 24.85
CA ASN A 21 22.54 -10.38 24.54
C ASN A 21 23.32 -10.10 25.82
N LYS A 22 24.28 -10.95 26.13
CA LYS A 22 25.07 -10.85 27.34
C LYS A 22 26.56 -10.82 26.98
N LYS A 23 27.20 -9.67 27.17
CA LYS A 23 28.58 -9.42 26.75
C LYS A 23 28.80 -9.80 25.29
N ASN A 24 27.85 -9.38 24.46
CA ASN A 24 27.88 -9.58 23.02
C ASN A 24 27.80 -11.04 22.58
N THR A 25 26.99 -11.81 23.30
CA THR A 25 26.69 -13.20 22.96
C THR A 25 25.23 -13.48 23.30
N LEU A 26 24.48 -14.00 22.34
CA LEU A 26 23.12 -14.44 22.62
C LEU A 26 23.15 -15.73 23.41
N MET A 27 22.41 -15.76 24.50
CA MET A 27 22.32 -16.96 25.33
C MET A 27 20.99 -16.99 26.06
N ASP A 28 20.69 -18.17 26.61
CA ASP A 28 19.55 -18.34 27.48
C ASP A 28 20.00 -18.10 28.92
N THR A 29 19.43 -17.07 29.55
CA THR A 29 19.79 -16.67 30.92
C THR A 29 18.80 -17.18 31.99
N SER A 30 17.85 -18.03 31.60
CA SER A 30 16.77 -18.49 32.47
C SER A 30 17.20 -19.50 33.53
N GLY A 31 18.29 -20.21 33.28
CA GLY A 31 18.70 -21.32 34.13
C GLY A 31 18.51 -22.67 33.46
N TYR A 32 17.68 -22.72 32.41
CA TYR A 32 17.41 -23.98 31.69
C TYR A 32 18.38 -24.26 30.54
N ASN A 33 19.29 -23.31 30.29
CA ASN A 33 20.40 -23.47 29.34
C ASN A 33 20.07 -24.13 28.01
N ALA A 34 19.20 -23.48 27.24
CA ALA A 34 18.96 -23.88 25.87
C ALA A 34 20.17 -23.49 25.03
N GLU A 35 20.45 -24.30 24.02
CA GLU A 35 21.51 -23.99 23.07
C GLU A 35 21.03 -22.89 22.13
N VAL A 36 21.87 -21.88 21.95
CA VAL A 36 21.57 -20.78 21.03
C VAL A 36 22.67 -20.71 19.99
N ARG A 37 22.31 -20.94 18.72
CA ARG A 37 23.25 -20.84 17.62
C ARG A 37 22.91 -19.62 16.79
N VAL A 38 23.95 -18.91 16.35
CA VAL A 38 23.81 -17.72 15.52
C VAL A 38 24.56 -17.96 14.21
N GLU A 39 23.87 -17.77 13.09
CA GLU A 39 24.44 -17.99 11.77
C GLU A 39 24.12 -16.81 10.85
N GLY A 40 25.03 -16.52 9.92
CA GLY A 40 24.81 -15.47 8.93
C GLY A 40 24.81 -14.07 9.52
N ASN A 41 24.24 -13.13 8.77
CA ASN A 41 24.27 -11.70 9.12
C ASN A 41 23.34 -11.33 10.27
N VAL A 42 23.83 -11.53 11.49
CA VAL A 42 23.11 -11.15 12.71
C VAL A 42 23.93 -10.10 13.43
N GLN A 43 23.38 -8.91 13.62
CA GLN A 43 24.07 -7.83 14.31
C GLN A 43 23.52 -7.66 15.71
N LEU A 44 24.41 -7.64 16.70
CA LEU A 44 24.03 -7.44 18.10
C LEU A 44 24.33 -6.01 18.50
N ASN A 45 23.41 -5.39 19.21
CA ASN A 45 23.55 -3.99 19.64
C ASN A 45 24.28 -3.92 20.97
N PRO A 46 25.48 -3.32 20.98
CA PRO A 46 26.25 -3.31 22.23
C PRO A 46 25.68 -2.42 23.34
N ILE A 47 24.80 -1.48 23.00
CA ILE A 47 24.11 -0.67 24.03
C ILE A 47 22.63 -1.02 24.12
N PHE A 48 22.00 -0.60 25.21
CA PHE A 48 20.58 -0.87 25.46
C PHE A 48 19.74 -0.43 24.25
N PRO A 49 18.71 -1.21 23.85
CA PRO A 49 18.20 -2.37 24.59
C PRO A 49 18.82 -3.74 24.23
N PHE A 50 20.05 -3.74 23.75
CA PHE A 50 20.80 -4.98 23.50
C PHE A 50 20.09 -5.94 22.53
N ASP A 51 19.55 -5.36 21.47
CA ASP A 51 18.76 -6.09 20.50
C ASP A 51 19.62 -6.81 19.48
N PHE A 52 19.03 -7.84 18.86
CA PHE A 52 19.65 -8.45 17.70
C PHE A 52 18.85 -8.11 16.45
N LYS A 53 19.55 -8.04 15.33
CA LYS A 53 18.98 -7.56 14.09
C LYS A 53 19.14 -8.58 12.97
N LEU A 54 18.04 -8.86 12.28
CA LEU A 54 18.01 -9.75 11.12
C LEU A 54 17.44 -9.02 9.93
N GLY A 55 17.82 -9.46 8.74
CA GLY A 55 17.29 -8.90 7.49
C GLY A 55 16.66 -10.01 6.66
N SER A 56 16.07 -9.63 5.53
CA SER A 56 15.45 -10.60 4.61
C SER A 56 16.27 -10.89 3.36
N SER A 57 17.33 -10.13 3.11
CA SER A 57 18.13 -10.30 1.89
C SER A 57 19.30 -11.27 2.06
N GLY A 58 19.55 -12.08 1.03
CA GLY A 58 20.74 -12.93 0.95
C GLY A 58 20.51 -14.35 1.45
N ASP A 59 21.44 -15.24 1.10
CA ASP A 59 21.46 -16.60 1.64
C ASP A 59 22.14 -16.57 3.01
N ASP A 60 23.03 -15.59 3.19
CA ASP A 60 23.67 -15.34 4.49
C ASP A 60 22.76 -14.46 5.36
N ARG A 61 21.46 -14.74 5.30
CA ARG A 61 20.40 -13.82 5.70
C ARG A 61 20.42 -13.43 7.17
N GLY A 62 20.72 -14.39 8.02
CA GLY A 62 20.70 -14.18 9.47
C GLY A 62 19.74 -15.16 10.12
N LYS A 63 20.26 -15.98 11.02
CA LYS A 63 19.50 -17.07 11.58
C LYS A 63 19.92 -17.32 13.04
N VAL A 64 18.94 -17.33 13.94
CA VAL A 64 19.14 -17.70 15.33
C VAL A 64 18.32 -18.96 15.60
N ILE A 65 18.99 -20.05 15.97
CA ILE A 65 18.32 -21.31 16.33
C ILE A 65 18.44 -21.55 17.83
N VAL A 66 17.30 -21.68 18.49
CA VAL A 66 17.24 -21.94 19.93
C VAL A 66 16.70 -23.35 20.14
N THR A 67 17.53 -24.23 20.67
CA THR A 67 17.17 -25.62 20.86
C THR A 67 17.05 -25.92 22.35
N GLN A 68 15.83 -26.19 22.80
CA GLN A 68 15.58 -26.39 24.22
C GLN A 68 16.09 -27.73 24.74
N ASN A 69 16.39 -27.75 26.04
CA ASN A 69 17.29 -28.71 26.66
C ASN A 69 16.61 -29.73 27.59
N GLU A 70 16.61 -31.01 27.20
CA GLU A 70 16.05 -32.12 28.00
C GLU A 70 14.71 -31.77 28.64
N TYR A 74 11.61 -27.44 30.59
CA TYR A 74 11.54 -28.36 29.46
C TYR A 74 10.20 -28.22 28.74
N ASN A 75 10.04 -28.97 27.65
CA ASN A 75 8.73 -29.15 27.00
C ASN A 75 7.75 -30.03 27.81
N ALA A 76 8.19 -30.59 28.93
CA ALA A 76 7.29 -31.24 29.90
C ALA A 76 6.30 -30.26 30.55
N MET A 77 6.58 -28.95 30.43
CA MET A 77 5.70 -27.88 30.92
C MET A 77 5.04 -27.08 29.80
N TYR A 78 4.07 -27.70 29.13
CA TYR A 78 3.24 -27.04 28.11
C TYR A 78 1.78 -27.50 28.16
N GLU A 79 1.09 -27.16 29.24
CA GLU A 79 -0.36 -27.07 29.22
C GLU A 79 -0.85 -25.62 29.25
N SER A 80 -0.04 -24.74 29.84
CA SER A 80 -0.16 -23.30 29.70
C SER A 80 1.23 -22.75 29.45
N PHE A 81 1.32 -21.73 28.59
CA PHE A 81 2.59 -21.04 28.37
C PHE A 81 2.35 -19.65 27.80
N SER A 82 3.36 -18.80 27.96
CA SER A 82 3.30 -17.44 27.46
C SER A 82 4.60 -17.11 26.73
N ILE A 83 4.47 -16.35 25.65
CA ILE A 83 5.62 -15.90 24.88
C ILE A 83 5.61 -14.38 24.91
N SER A 84 6.76 -13.78 25.13
CA SER A 84 6.84 -12.34 25.31
C SER A 84 8.14 -11.84 24.70
N PHE A 85 8.06 -10.74 23.96
CA PHE A 85 9.25 -10.14 23.34
C PHE A 85 9.00 -8.74 22.82
N TRP A 86 10.08 -7.97 22.72
CA TRP A 86 10.09 -6.69 22.01
C TRP A 86 10.48 -6.94 20.56
N ILE A 87 9.82 -6.24 19.65
CA ILE A 87 10.08 -6.39 18.23
C ILE A 87 9.89 -5.08 17.48
N ARG A 88 10.72 -4.88 16.46
CA ARG A 88 10.62 -3.75 15.58
C ARG A 88 10.85 -4.23 14.15
N ILE A 89 10.02 -3.75 13.23
CA ILE A 89 10.12 -4.10 11.81
C ILE A 89 10.19 -2.82 10.97
N ASN A 90 11.11 -2.78 10.01
CA ASN A 90 11.24 -1.63 9.12
C ASN A 90 11.62 -2.09 7.72
N LYS A 91 10.94 -1.64 6.66
CA LYS A 91 9.75 -0.78 6.70
C LYS A 91 8.49 -1.65 6.66
N TRP A 92 7.72 -1.67 7.75
CA TRP A 92 6.53 -2.52 7.81
C TRP A 92 5.32 -1.85 7.13
N VAL A 93 5.34 -1.96 5.79
CA VAL A 93 4.33 -1.32 4.94
C VAL A 93 3.07 -2.19 4.83
N SER A 94 1.96 -1.54 4.50
CA SER A 94 0.64 -2.19 4.45
C SER A 94 0.50 -3.30 3.38
N ASN A 95 1.29 -3.23 2.33
CA ASN A 95 1.30 -4.25 1.28
C ASN A 95 2.48 -5.23 1.41
N LEU A 96 2.94 -5.46 2.64
CA LEU A 96 4.08 -6.33 2.85
C LEU A 96 3.73 -7.77 2.45
N PRO A 97 4.62 -8.44 1.71
CA PRO A 97 4.39 -9.87 1.42
C PRO A 97 4.49 -10.73 2.67
N GLY A 98 3.98 -11.95 2.59
CA GLY A 98 4.04 -12.88 3.72
C GLY A 98 5.46 -13.27 4.12
N TYR A 99 5.73 -13.27 5.43
CA TYR A 99 7.01 -13.73 5.96
C TYR A 99 6.76 -14.52 7.22
N THR A 100 7.45 -15.65 7.34
CA THR A 100 7.64 -16.29 8.64
C THR A 100 8.88 -15.66 9.27
N ILE A 101 8.77 -15.34 10.55
CA ILE A 101 9.86 -14.65 11.27
C ILE A 101 10.35 -15.41 12.49
N ILE A 102 9.45 -16.06 13.23
CA ILE A 102 9.80 -16.87 14.39
C ILE A 102 9.01 -18.18 14.31
N ASP A 103 9.73 -19.28 14.06
CA ASP A 103 9.10 -20.57 13.78
C ASP A 103 9.48 -21.66 14.76
N SER A 104 8.48 -22.32 15.32
CA SER A 104 8.67 -23.50 16.16
C SER A 104 7.68 -24.57 15.73
N VAL A 105 7.78 -24.96 14.47
CA VAL A 105 6.94 -26.01 13.90
C VAL A 105 7.86 -27.15 13.49
N LYS A 106 7.45 -28.37 13.81
CA LYS A 106 8.22 -29.58 13.52
C LYS A 106 7.26 -30.73 13.23
N ASN A 107 7.38 -31.33 12.05
CA ASN A 107 6.47 -32.39 11.60
C ASN A 107 5.02 -31.96 11.74
N ASN A 108 4.70 -30.84 11.10
CA ASN A 108 3.34 -30.29 11.02
C ASN A 108 2.61 -30.05 12.34
N SER A 109 3.35 -29.73 13.40
CA SER A 109 2.75 -29.18 14.61
C SER A 109 3.73 -28.38 15.46
N GLY A 110 3.16 -27.53 16.32
CA GLY A 110 3.92 -26.54 17.10
C GLY A 110 3.25 -25.18 17.02
N TRP A 111 4.06 -24.13 16.92
CA TRP A 111 3.53 -22.78 16.73
C TRP A 111 4.44 -21.95 15.84
N SER A 112 3.89 -20.87 15.30
CA SER A 112 4.62 -20.03 14.36
C SER A 112 4.19 -18.57 14.47
N ILE A 113 5.13 -17.66 14.24
CA ILE A 113 4.83 -16.22 14.18
C ILE A 113 5.24 -15.70 12.80
N GLY A 114 4.30 -15.08 12.11
CA GLY A 114 4.55 -14.52 10.79
C GLY A 114 3.93 -13.15 10.62
N ILE A 115 4.33 -12.45 9.57
CA ILE A 115 3.75 -11.17 9.25
C ILE A 115 3.35 -11.14 7.78
N ILE A 116 2.26 -10.43 7.50
CA ILE A 116 1.78 -10.22 6.14
C ILE A 116 0.91 -8.96 6.13
N SER A 117 1.06 -8.14 5.11
CA SER A 117 0.37 -6.85 5.05
C SER A 117 0.58 -6.16 6.41
N ASN A 118 -0.47 -5.65 7.05
CA ASN A 118 -0.35 -4.98 8.34
C ASN A 118 -0.64 -5.92 9.51
N PHE A 119 -0.48 -7.22 9.30
CA PHE A 119 -0.79 -8.24 10.30
C PHE A 119 0.46 -8.87 10.89
N LEU A 120 0.45 -9.06 12.21
CA LEU A 120 1.35 -10.00 12.86
C LEU A 120 0.49 -11.11 13.42
N VAL A 121 0.82 -12.35 13.06
CA VAL A 121 -0.05 -13.51 13.27
C VAL A 121 0.65 -14.59 14.07
N PHE A 122 0.03 -15.03 15.16
CA PHE A 122 0.49 -16.19 15.92
C PHE A 122 -0.38 -17.38 15.57
N THR A 123 0.26 -18.45 15.13
CA THR A 123 -0.42 -19.65 14.68
C THR A 123 -0.10 -20.82 15.58
N LEU A 124 -1.14 -21.43 16.13
CA LEU A 124 -1.03 -22.66 16.90
C LEU A 124 -1.43 -23.80 15.97
N LYS A 125 -0.45 -24.64 15.62
CA LYS A 125 -0.64 -25.69 14.63
C LYS A 125 -0.71 -27.07 15.29
N GLN A 126 -1.90 -27.70 15.22
CA GLN A 126 -2.10 -29.05 15.77
C GLN A 126 -1.66 -30.18 14.80
N ASN A 127 -2.10 -30.08 13.54
CA ASN A 127 -1.82 -31.06 12.49
C ASN A 127 -1.51 -30.35 11.19
N GLU A 128 -1.29 -31.12 10.13
CA GLU A 128 -1.30 -30.58 8.77
C GLU A 128 -2.67 -30.03 8.32
N ASN A 129 -3.75 -30.56 8.90
CA ASN A 129 -5.13 -30.17 8.56
C ASN A 129 -5.75 -29.10 9.47
N SER A 130 -5.37 -29.12 10.74
CA SER A 130 -5.99 -28.28 11.77
C SER A 130 -4.99 -27.30 12.37
N GLU A 131 -5.45 -26.05 12.56
CA GLU A 131 -4.55 -24.93 12.80
C GLU A 131 -5.35 -23.66 13.15
N GLN A 132 -4.99 -23.00 14.25
CA GLN A 132 -5.68 -21.78 14.68
C GLN A 132 -4.75 -20.60 14.72
N ASP A 133 -5.27 -19.40 14.47
CA ASP A 133 -4.46 -18.20 14.63
C ASP A 133 -5.18 -16.98 15.18
N ILE A 134 -4.37 -16.13 15.81
CA ILE A 134 -4.82 -14.87 16.37
C ILE A 134 -3.85 -13.84 15.83
N ASN A 135 -4.26 -12.58 15.80
CA ASN A 135 -3.41 -11.57 15.19
C ASN A 135 -3.61 -10.15 15.71
N PHE A 136 -2.59 -9.34 15.47
CA PHE A 136 -2.62 -7.90 15.67
C PHE A 136 -2.50 -7.27 14.28
N SER A 137 -3.44 -6.41 13.93
CA SER A 137 -3.38 -5.68 12.68
C SER A 137 -3.27 -4.21 13.05
N TYR A 138 -2.15 -3.57 12.67
CA TYR A 138 -1.92 -2.19 13.05
C TYR A 138 -2.83 -1.23 12.31
N ASP A 139 -3.11 -0.10 12.95
CA ASP A 139 -3.98 0.91 12.39
C ASP A 139 -3.22 1.69 11.28
N ILE A 140 -3.59 1.41 10.03
CA ILE A 140 -2.92 2.02 8.88
C ILE A 140 -3.09 3.54 8.85
N SER A 141 -4.25 4.02 9.29
CA SER A 141 -4.52 5.47 9.29
C SER A 141 -3.58 6.28 10.19
N LYS A 142 -3.03 5.62 11.21
CA LYS A 142 -2.10 6.29 12.13
C LYS A 142 -0.64 5.96 11.86
N ASN A 143 -0.37 5.25 10.76
CA ASN A 143 0.99 4.82 10.44
C ASN A 143 1.24 4.87 8.94
N ALA A 144 0.94 6.01 8.35
CA ALA A 144 1.05 6.21 6.90
C ALA A 144 2.41 5.78 6.33
N ALA A 145 3.48 5.96 7.09
CA ALA A 145 4.82 5.61 6.65
C ALA A 145 5.27 4.20 7.08
N GLY A 146 4.33 3.37 7.52
CA GLY A 146 4.65 2.03 8.03
C GLY A 146 4.70 2.01 9.55
N TYR A 147 4.44 0.85 10.13
CA TYR A 147 4.54 0.65 11.57
C TYR A 147 5.96 0.23 11.91
N ASN A 148 6.85 1.21 11.97
CA ASN A 148 8.28 0.96 12.13
C ASN A 148 8.77 1.28 13.55
N LYS A 149 7.89 1.08 14.53
CA LYS A 149 8.20 1.38 15.92
C LYS A 149 8.32 0.10 16.73
N TRP A 150 9.12 0.15 17.79
CA TRP A 150 9.20 -0.94 18.75
C TRP A 150 7.85 -1.18 19.36
N PHE A 151 7.43 -2.45 19.43
CA PHE A 151 6.26 -2.81 20.21
C PHE A 151 6.51 -4.10 20.98
N PHE A 152 5.71 -4.28 22.03
CA PHE A 152 5.88 -5.39 22.94
C PHE A 152 4.76 -6.38 22.73
N VAL A 153 5.14 -7.59 22.34
CA VAL A 153 4.19 -8.66 22.06
C VAL A 153 4.11 -9.59 23.27
N THR A 154 2.90 -9.97 23.64
CA THR A 154 2.71 -11.01 24.64
C THR A 154 1.60 -11.95 24.20
N ILE A 155 1.96 -13.22 24.06
CA ILE A 155 1.04 -14.26 23.63
C ILE A 155 0.88 -15.25 24.76
N THR A 156 -0.35 -15.46 25.23
CA THR A 156 -0.63 -16.42 26.29
C THR A 156 -1.55 -17.51 25.75
N THR A 157 -1.17 -18.76 26.00
CA THR A 157 -1.95 -19.89 25.52
C THR A 157 -2.32 -20.78 26.70
N ASN A 158 -3.57 -21.23 26.71
CA ASN A 158 -4.05 -22.25 27.63
C ASN A 158 -4.71 -23.37 26.83
N MET A 159 -4.08 -24.54 26.83
CA MET A 159 -4.55 -25.68 26.02
C MET A 159 -5.96 -26.17 26.39
N MET A 160 -6.43 -25.81 27.58
CA MET A 160 -7.76 -26.15 28.04
C MET A 160 -8.59 -24.87 28.19
N GLY A 161 -8.19 -23.81 27.49
CA GLY A 161 -8.77 -22.50 27.67
C GLY A 161 -8.63 -21.61 26.46
N ASN A 162 -8.07 -20.42 26.67
CA ASN A 162 -7.94 -19.43 25.61
C ASN A 162 -6.52 -19.19 25.12
N MET A 163 -6.46 -18.55 23.97
CA MET A 163 -5.24 -18.30 23.23
C MET A 163 -5.33 -16.81 22.90
N MET A 164 -4.44 -16.01 23.49
CA MET A 164 -4.57 -14.56 23.47
C MET A 164 -3.31 -13.85 23.01
N ILE A 165 -3.47 -12.67 22.42
CA ILE A 165 -2.34 -11.84 22.06
C ILE A 165 -2.56 -10.42 22.57
N TYR A 166 -1.52 -9.89 23.24
CA TYR A 166 -1.48 -8.53 23.73
C TYR A 166 -0.41 -7.76 22.98
N ILE A 167 -0.64 -6.46 22.82
CA ILE A 167 0.34 -5.56 22.22
C ILE A 167 0.47 -4.37 23.16
N ASN A 168 1.70 -4.09 23.58
CA ASN A 168 1.97 -3.05 24.57
C ASN A 168 1.07 -3.17 25.82
N GLY A 169 0.85 -4.40 26.26
CA GLY A 169 0.08 -4.64 27.48
C GLY A 169 -1.42 -4.53 27.35
N LYS A 170 -1.93 -4.31 26.14
CA LYS A 170 -3.37 -4.23 25.90
C LYS A 170 -3.81 -5.47 25.12
N LEU A 171 -4.91 -6.10 25.55
CA LEU A 171 -5.44 -7.31 24.89
C LEU A 171 -6.02 -6.95 23.52
N ILE A 172 -5.66 -7.73 22.50
CA ILE A 172 -6.08 -7.47 21.13
C ILE A 172 -7.02 -8.53 20.55
N ASP A 173 -6.73 -9.80 20.78
CA ASP A 173 -7.45 -10.87 20.11
C ASP A 173 -7.42 -12.13 20.98
N THR A 174 -8.57 -12.81 21.05
CA THR A 174 -8.74 -14.01 21.86
C THR A 174 -9.51 -15.06 21.05
N ILE A 175 -9.10 -16.32 21.18
CA ILE A 175 -9.82 -17.44 20.59
C ILE A 175 -9.78 -18.62 21.56
N LYS A 176 -10.84 -19.41 21.58
CA LYS A 176 -10.88 -20.66 22.33
C LYS A 176 -10.03 -21.68 21.58
N VAL A 177 -9.19 -22.41 22.31
CA VAL A 177 -8.35 -23.44 21.70
C VAL A 177 -9.19 -24.70 21.43
N LYS A 178 -8.94 -25.34 20.29
CA LYS A 178 -9.58 -26.61 19.95
C LYS A 178 -9.06 -27.72 20.87
N GLU A 179 -9.97 -28.36 21.59
CA GLU A 179 -9.58 -29.34 22.60
C GLU A 179 -9.37 -30.72 21.96
N LEU A 180 -8.18 -30.89 21.38
CA LEU A 180 -7.71 -32.17 20.82
C LEU A 180 -8.60 -32.66 19.70
N ILE A 183 -1.64 -31.99 20.49
CA ILE A 183 -0.61 -31.01 20.07
C ILE A 183 0.83 -31.43 20.44
N ASN A 184 1.76 -31.41 19.48
CA ASN A 184 3.14 -31.78 19.77
C ASN A 184 4.12 -30.62 19.54
N PHE A 185 4.75 -30.14 20.60
CA PHE A 185 5.58 -28.94 20.51
C PHE A 185 7.03 -29.24 20.12
N SER A 186 7.56 -28.38 19.24
CA SER A 186 8.95 -28.48 18.80
C SER A 186 9.90 -28.01 19.88
N LYS A 187 11.09 -28.59 19.90
CA LYS A 187 12.14 -28.20 20.83
C LYS A 187 12.94 -27.03 20.29
N THR A 188 12.66 -26.65 19.05
CA THR A 188 13.48 -25.70 18.32
C THR A 188 12.68 -24.44 18.05
N ILE A 189 13.34 -23.30 18.18
CA ILE A 189 12.75 -22.03 17.80
C ILE A 189 13.72 -21.31 16.88
N THR A 190 13.26 -20.96 15.69
CA THR A 190 14.12 -20.43 14.64
C THR A 190 13.72 -19.02 14.26
N PHE A 191 14.59 -18.06 14.56
CA PHE A 191 14.37 -16.66 14.21
C PHE A 191 15.03 -16.43 12.86
N GLN A 192 14.21 -16.29 11.83
CA GLN A 192 14.72 -16.08 10.47
C GLN A 192 13.62 -15.55 9.58
N MET A 193 13.94 -14.54 8.79
CA MET A 193 12.94 -13.88 7.94
C MET A 193 12.79 -14.59 6.60
N ASN A 194 11.80 -15.48 6.55
CA ASN A 194 11.61 -16.38 5.41
C ASN A 194 10.34 -16.03 4.64
N LYS A 195 10.53 -15.57 3.41
CA LYS A 195 9.42 -15.18 2.56
C LYS A 195 8.56 -16.40 2.19
N ILE A 196 7.28 -16.17 1.98
CA ILE A 196 6.35 -17.22 1.60
C ILE A 196 6.15 -17.13 0.08
N PRO A 197 6.59 -18.16 -0.69
CA PRO A 197 6.56 -18.12 -2.16
C PRO A 197 5.30 -17.50 -2.80
N ASP A 207 12.05 -2.76 -0.67
CA ASP A 207 11.64 -4.15 -0.85
C ASP A 207 12.17 -5.06 0.26
N ASN A 208 13.45 -4.89 0.63
CA ASN A 208 14.07 -5.70 1.69
C ASN A 208 13.88 -5.10 3.09
N ILE A 209 13.53 -5.94 4.05
CA ILE A 209 13.13 -5.48 5.39
C ILE A 209 14.10 -5.93 6.47
N ASN A 210 14.11 -5.17 7.56
CA ASN A 210 14.88 -5.52 8.75
C ASN A 210 13.98 -5.76 9.95
N MET A 211 14.51 -6.48 10.92
CA MET A 211 13.76 -6.88 12.09
C MET A 211 14.68 -6.87 13.32
N TRP A 212 14.24 -6.22 14.39
CA TRP A 212 15.00 -6.18 15.63
C TRP A 212 14.21 -6.89 16.72
N ILE A 213 14.90 -7.68 17.54
CA ILE A 213 14.27 -8.38 18.66
C ILE A 213 15.12 -8.20 19.92
N ARG A 214 14.47 -8.06 21.07
CA ARG A 214 15.17 -8.14 22.35
C ARG A 214 14.27 -8.64 23.46
N ASP A 215 14.90 -9.33 24.42
CA ASP A 215 14.21 -9.89 25.59
C ASP A 215 13.07 -10.82 25.18
N PHE A 216 13.42 -11.88 24.46
CA PHE A 216 12.47 -12.92 24.11
C PHE A 216 12.37 -13.92 25.25
N TYR A 217 11.23 -13.92 25.94
CA TYR A 217 10.99 -14.79 27.09
C TYR A 217 9.86 -15.79 26.84
N ILE A 218 10.01 -17.00 27.39
CA ILE A 218 8.90 -17.95 27.49
C ILE A 218 8.64 -18.30 28.96
N PHE A 219 7.37 -18.26 29.35
CA PHE A 219 6.94 -18.59 30.69
C PHE A 219 6.11 -19.86 30.66
N ALA A 220 6.27 -20.70 31.69
CA ALA A 220 5.52 -21.95 31.80
C ALA A 220 4.17 -21.80 32.48
N LYS A 221 3.53 -20.64 32.30
CA LYS A 221 2.16 -20.44 32.76
C LYS A 221 1.47 -19.38 31.93
N GLU A 222 0.17 -19.25 32.12
CA GLU A 222 -0.62 -18.24 31.43
C GLU A 222 -0.56 -16.94 32.22
N LEU A 223 0.20 -15.97 31.72
CA LEU A 223 0.27 -14.65 32.36
C LEU A 223 -1.07 -13.91 32.24
N ASP A 224 -1.46 -13.19 33.28
CA ASP A 224 -2.70 -12.42 33.28
C ASP A 224 -2.42 -10.96 32.93
N ASP A 225 -3.48 -10.16 32.84
CA ASP A 225 -3.38 -8.75 32.44
C ASP A 225 -2.40 -7.94 33.29
N LYS A 226 -2.44 -8.18 34.60
CA LYS A 226 -1.67 -7.40 35.56
C LYS A 226 -0.18 -7.71 35.42
N ASP A 227 0.15 -9.00 35.34
CA ASP A 227 1.54 -9.46 35.21
C ASP A 227 2.19 -9.01 33.90
N ILE A 228 1.38 -8.97 32.83
CA ILE A 228 1.86 -8.54 31.52
C ILE A 228 2.23 -7.05 31.53
N ASN A 229 1.44 -6.24 32.20
CA ASN A 229 1.73 -4.81 32.28
C ASN A 229 2.90 -4.50 33.22
N ILE A 230 3.04 -5.29 34.28
CA ILE A 230 4.23 -5.20 35.15
C ILE A 230 5.46 -5.55 34.35
N LEU A 231 5.37 -6.62 33.56
CA LEU A 231 6.45 -7.05 32.70
C LEU A 231 6.79 -5.98 31.68
N PHE A 232 5.77 -5.51 30.98
CA PHE A 232 5.87 -4.43 29.98
C PHE A 232 6.70 -3.25 30.48
N ASN A 233 6.34 -2.73 31.65
CA ASN A 233 7.04 -1.57 32.21
C ASN A 233 8.42 -1.87 32.78
N SER A 234 8.59 -3.07 33.34
CA SER A 234 9.89 -3.45 33.93
C SER A 234 11.03 -3.48 32.91
N LEU A 235 10.69 -3.62 31.63
CA LEU A 235 11.68 -3.70 30.55
C LEU A 235 11.94 -2.35 29.85
N GLN A 236 11.41 -1.26 30.41
CA GLN A 236 11.64 0.07 29.85
C GLN A 236 12.23 1.00 30.91
N TYR A 237 13.03 1.96 30.45
CA TYR A 237 13.38 3.11 31.28
C TYR A 237 12.31 4.19 31.06
N THR A 238 11.27 4.13 31.89
CA THR A 238 10.09 4.98 31.76
C THR A 238 10.37 6.47 31.65
N ASN A 239 11.44 6.95 32.29
CA ASN A 239 11.75 8.38 32.25
C ASN A 239 12.66 8.81 31.10
N VAL A 240 13.12 7.86 30.29
CA VAL A 240 13.87 8.19 29.09
C VAL A 240 12.87 8.41 27.96
N VAL A 241 12.84 9.63 27.41
CA VAL A 241 11.88 9.98 26.37
C VAL A 241 12.28 9.24 25.10
N LYS A 242 11.30 8.83 24.29
CA LYS A 242 11.55 8.06 23.08
C LYS A 242 11.20 8.87 21.82
N ASP A 243 11.92 8.56 20.74
CA ASP A 243 11.58 9.09 19.41
C ASP A 243 10.41 8.28 18.85
N TYR A 244 9.90 8.67 17.68
CA TYR A 244 8.69 8.08 17.12
C TYR A 244 8.79 6.55 16.91
N TRP A 245 9.99 6.04 16.69
CA TRP A 245 10.19 4.60 16.49
C TRP A 245 10.45 3.83 17.80
N GLY A 246 10.44 4.52 18.94
CA GLY A 246 10.62 3.87 20.24
C GLY A 246 12.07 3.76 20.70
N ASN A 247 13.00 4.34 19.94
CA ASN A 247 14.39 4.42 20.36
C ASN A 247 14.59 5.66 21.22
N ASP A 248 15.65 5.66 22.01
CA ASP A 248 15.90 6.73 22.97
C ASP A 248 16.02 8.08 22.24
N LEU A 249 15.31 9.09 22.74
CA LEU A 249 15.42 10.43 22.20
C LEU A 249 16.76 11.04 22.64
N ARG A 250 17.43 11.76 21.75
CA ARG A 250 18.78 12.24 21.99
C ARG A 250 18.97 13.72 21.67
N TYR A 251 19.84 14.38 22.42
CA TYR A 251 20.24 15.77 22.13
C TYR A 251 21.20 15.81 20.96
N ASP A 252 21.32 16.99 20.34
CA ASP A 252 22.29 17.22 19.26
C ASP A 252 22.07 16.28 18.07
N LYS A 253 20.81 15.99 17.76
CA LYS A 253 20.46 15.11 16.67
C LYS A 253 19.27 15.69 15.91
N GLU A 254 19.28 15.57 14.60
CA GLU A 254 18.25 16.16 13.77
C GLU A 254 16.97 15.32 13.76
N TYR A 255 15.85 15.95 14.06
CA TYR A 255 14.54 15.30 14.09
C TYR A 255 13.52 16.12 13.30
N TYR A 256 12.49 15.45 12.83
CA TYR A 256 11.29 16.11 12.39
C TYR A 256 10.34 16.15 13.58
N MET A 257 9.96 17.35 13.99
CA MET A 257 9.05 17.55 15.12
C MET A 257 7.62 17.65 14.59
N ILE A 258 6.77 16.72 15.03
CA ILE A 258 5.44 16.56 14.48
C ILE A 258 4.41 16.39 15.60
N ASN A 259 3.24 17.00 15.42
CA ASN A 259 2.16 16.90 16.40
C ASN A 259 1.22 15.74 16.08
N VAL A 260 0.88 14.97 17.11
CA VAL A 260 0.06 13.76 16.96
C VAL A 260 -1.27 14.00 16.24
N ASN A 261 -1.89 15.16 16.41
CA ASN A 261 -3.14 15.48 15.70
C ASN A 261 -2.98 15.76 14.22
N TYR A 262 -1.75 16.05 13.79
CA TYR A 262 -1.46 16.50 12.43
C TYR A 262 -0.21 15.81 11.90
N MET A 263 -0.27 14.49 11.84
CA MET A 263 0.85 13.68 11.37
C MET A 263 1.14 13.88 9.88
N ASN A 264 0.13 14.36 9.14
CA ASN A 264 0.27 14.63 7.71
C ASN A 264 0.82 16.03 7.39
N ARG A 265 1.41 16.69 8.38
CA ARG A 265 1.94 18.03 8.22
C ARG A 265 3.41 18.09 8.60
N TYR A 266 4.17 18.90 7.87
CA TYR A 266 5.58 19.13 8.18
C TYR A 266 5.78 20.56 8.64
N MET A 267 6.93 20.83 9.24
CA MET A 267 7.27 22.15 9.78
C MET A 267 7.84 23.05 8.70
N SER A 268 7.29 24.26 8.62
CA SER A 268 7.79 25.27 7.70
C SER A 268 7.88 26.61 8.43
N LYS A 269 8.10 27.70 7.69
CA LYS A 269 8.29 29.00 8.30
C LYS A 269 7.68 30.09 7.45
N LYS A 270 7.06 31.07 8.08
CA LYS A 270 6.65 32.28 7.41
C LYS A 270 6.85 33.45 8.35
N GLY A 271 7.73 34.36 7.95
CA GLY A 271 8.17 35.42 8.83
C GLY A 271 8.87 34.80 10.01
N ASN A 272 8.58 35.30 11.20
CA ASN A 272 9.16 34.70 12.37
C ASN A 272 8.29 33.56 12.95
N GLY A 273 7.15 33.22 12.30
CA GLY A 273 6.30 32.11 12.74
C GLY A 273 6.65 30.77 12.14
N ILE A 274 6.42 29.71 12.92
CA ILE A 274 6.47 28.34 12.45
C ILE A 274 5.06 28.01 12.00
N VAL A 275 4.95 27.47 10.80
CA VAL A 275 3.67 27.07 10.26
C VAL A 275 3.78 25.62 9.80
N PHE A 276 2.65 24.93 9.83
CA PHE A 276 2.60 23.53 9.46
C PHE A 276 1.91 23.34 8.12
N ASN A 277 2.60 22.72 7.18
CA ASN A 277 2.12 22.53 5.82
C ASN A 277 1.80 21.07 5.53
N THR A 278 0.86 20.83 4.60
CA THR A 278 0.45 19.48 4.24
C THR A 278 1.52 18.76 3.41
N ARG A 279 1.77 17.50 3.75
CA ARG A 279 2.80 16.69 3.10
C ARG A 279 2.43 16.33 1.67
N LYS A 280 3.43 16.36 0.79
CA LYS A 280 3.29 15.84 -0.57
C LYS A 280 3.52 14.33 -0.56
N ASN A 281 4.53 13.87 0.19
CA ASN A 281 4.85 12.45 0.32
C ASN A 281 4.36 11.95 1.66
N ASN A 282 3.13 11.41 1.70
CA ASN A 282 2.56 10.94 2.95
C ASN A 282 3.01 9.56 3.41
N ASN A 283 3.71 8.85 2.54
CA ASN A 283 4.21 7.52 2.88
C ASN A 283 5.64 7.54 3.44
N ASP A 284 6.19 8.73 3.65
CA ASP A 284 7.41 8.86 4.44
C ASP A 284 7.60 10.26 5.00
N PHE A 285 8.64 10.41 5.81
CA PHE A 285 8.95 11.64 6.51
C PHE A 285 10.25 12.20 5.97
N ASN A 286 10.15 13.13 5.02
CA ASN A 286 11.32 13.75 4.42
C ASN A 286 11.08 15.18 3.94
N GLU A 287 10.17 15.90 4.61
CA GLU A 287 9.81 17.25 4.22
C GLU A 287 9.96 18.23 5.37
N GLY A 288 10.18 19.50 5.01
CA GLY A 288 10.21 20.59 5.95
C GLY A 288 11.53 20.72 6.67
N TYR A 289 11.54 21.60 7.66
CA TYR A 289 12.75 21.88 8.42
C TYR A 289 12.96 20.89 9.54
N LYS A 290 14.22 20.77 9.95
CA LYS A 290 14.61 19.84 11.01
C LYS A 290 14.98 20.60 12.27
N ILE A 291 14.65 20.04 13.43
CA ILE A 291 15.05 20.63 14.70
C ILE A 291 16.13 19.79 15.35
N ILE A 292 16.92 20.45 16.19
CA ILE A 292 17.92 19.78 17.02
C ILE A 292 17.58 20.17 18.45
N ILE A 293 17.55 19.17 19.34
CA ILE A 293 17.18 19.42 20.74
C ILE A 293 18.46 19.70 21.50
N LYS A 294 18.45 20.77 22.29
CA LYS A 294 19.62 21.23 23.04
C LYS A 294 19.41 21.21 24.56
N ARG A 295 20.29 20.53 25.28
CA ARG A 295 20.16 20.38 26.73
C ARG A 295 20.52 21.63 27.53
N ILE A 296 19.68 21.99 28.48
CA ILE A 296 20.00 23.01 29.48
C ILE A 296 20.24 22.33 30.83
N ARG A 297 19.27 21.52 31.27
CA ARG A 297 19.35 20.74 32.49
C ARG A 297 19.16 19.25 32.23
N GLY A 298 20.07 18.44 32.75
CA GLY A 298 19.98 16.99 32.59
C GLY A 298 21.28 16.28 32.88
N ASN A 299 21.28 14.97 32.69
CA ASN A 299 22.44 14.15 32.95
C ASN A 299 23.46 14.22 31.82
N THR A 300 24.69 14.59 32.15
CA THR A 300 25.75 14.78 31.16
C THR A 300 26.59 13.53 30.83
N ASN A 301 26.32 12.41 31.50
CA ASN A 301 27.06 11.17 31.20
C ASN A 301 26.69 10.57 29.84
N ASP A 302 25.50 10.89 29.36
CA ASP A 302 25.06 10.48 28.06
C ASP A 302 24.29 11.63 27.38
N THR A 303 23.76 11.31 26.22
CA THR A 303 23.08 12.26 25.35
C THR A 303 21.55 12.06 25.36
N ARG A 304 21.07 11.11 26.14
CA ARG A 304 19.64 10.79 26.15
C ARG A 304 18.81 11.88 26.81
N VAL A 305 17.57 12.02 26.35
CA VAL A 305 16.66 13.03 26.84
C VAL A 305 15.74 12.40 27.88
N ARG A 306 15.56 13.08 29.01
CA ARG A 306 14.82 12.52 30.14
C ARG A 306 13.73 13.45 30.63
N GLY A 307 12.71 12.87 31.25
CA GLY A 307 11.63 13.64 31.84
C GLY A 307 12.16 14.59 32.89
N GLU A 308 11.60 15.79 32.92
CA GLU A 308 12.06 16.90 33.78
C GLU A 308 13.40 17.53 33.37
N ASN A 309 14.02 17.05 32.31
CA ASN A 309 15.10 17.83 31.70
C ASN A 309 14.46 19.12 31.20
N VAL A 310 15.27 20.19 31.16
CA VAL A 310 14.85 21.42 30.51
C VAL A 310 15.78 21.63 29.31
N LEU A 311 15.19 22.15 28.23
CA LEU A 311 15.84 22.16 26.91
C LEU A 311 15.28 23.26 26.02
N TYR A 312 15.91 23.43 24.87
CA TYR A 312 15.39 24.32 23.83
C TYR A 312 15.65 23.67 22.47
N PHE A 313 15.05 24.24 21.42
CA PHE A 313 15.12 23.70 20.08
C PHE A 313 15.80 24.66 19.11
N ASN A 314 16.79 24.15 18.37
CA ASN A 314 17.38 24.88 17.25
C ASN A 314 16.82 24.36 15.94
N THR A 315 16.84 25.21 14.92
CA THR A 315 16.52 24.77 13.57
C THR A 315 17.30 25.60 12.55
N THR A 316 17.74 24.96 11.48
CA THR A 316 18.56 25.61 10.45
C THR A 316 17.74 25.88 9.18
N ILE A 317 17.52 27.16 8.89
CA ILE A 317 16.69 27.58 7.77
C ILE A 317 17.45 28.53 6.86
N ASP A 318 17.59 28.16 5.59
CA ASP A 318 18.40 28.92 4.61
C ASP A 318 19.80 29.19 5.16
N ASN A 319 20.41 28.15 5.73
CA ASN A 319 21.76 28.21 6.31
C ASN A 319 21.95 29.07 7.58
N LYS A 320 20.89 29.72 8.05
CA LYS A 320 20.95 30.51 9.28
C LYS A 320 20.34 29.71 10.42
N GLN A 321 21.02 29.66 11.56
CA GLN A 321 20.53 28.91 12.70
C GLN A 321 19.61 29.76 13.55
N TYR A 322 18.36 29.32 13.67
CA TYR A 322 17.38 29.98 14.51
C TYR A 322 17.12 29.11 15.72
N SER A 323 16.36 29.65 16.65
CA SER A 323 15.91 28.92 17.81
C SER A 323 14.40 29.13 17.97
N LEU A 324 13.69 28.15 18.51
CA LEU A 324 12.24 28.31 18.70
C LEU A 324 11.97 29.15 19.93
N GLY A 325 10.95 30.00 19.86
CA GLY A 325 10.61 30.91 20.96
C GLY A 325 9.33 31.67 20.73
N MET A 326 8.75 32.17 21.81
CA MET A 326 7.49 32.91 21.73
C MET A 326 7.69 34.26 21.06
N TYR A 327 6.64 34.73 20.41
CA TYR A 327 6.65 36.03 19.78
C TYR A 327 5.27 36.64 19.88
N LYS A 328 5.20 37.96 19.80
CA LYS A 328 3.92 38.67 19.83
C LYS A 328 3.25 38.58 18.46
N PRO A 329 2.03 38.06 18.40
CA PRO A 329 1.30 37.98 17.13
C PRO A 329 0.70 39.34 16.69
N SER A 330 0.29 39.41 15.42
CA SER A 330 -0.41 40.57 14.83
C SER A 330 -1.64 40.97 15.61
N ARG A 331 -2.33 39.98 16.20
CA ARG A 331 -3.48 40.24 17.03
C ARG A 331 -3.60 39.15 18.10
N ASN A 332 -4.42 39.42 19.11
CA ASN A 332 -4.69 38.42 20.12
C ASN A 332 -5.39 37.21 19.50
N LEU A 333 -4.74 36.06 19.57
CA LEU A 333 -5.24 34.82 18.99
C LEU A 333 -6.32 34.18 19.87
N GLY A 334 -6.38 34.62 21.13
CA GLY A 334 -7.24 34.03 22.13
C GLY A 334 -6.64 34.21 23.50
N THR A 335 -7.47 34.05 24.52
CA THR A 335 -7.03 34.18 25.90
C THR A 335 -5.92 33.18 26.21
N ASP A 336 -4.83 33.66 26.81
CA ASP A 336 -3.71 32.85 27.28
C ASP A 336 -2.96 32.10 26.15
N LEU A 337 -3.07 32.54 24.90
CA LEU A 337 -2.40 31.87 23.79
C LEU A 337 -1.25 32.71 23.28
N VAL A 338 -0.09 32.09 23.10
CA VAL A 338 1.08 32.76 22.50
C VAL A 338 1.68 31.79 21.49
N PRO A 339 1.90 32.26 20.24
CA PRO A 339 2.44 31.37 19.22
C PRO A 339 3.93 31.11 19.42
N LEU A 340 4.40 29.97 18.95
CA LEU A 340 5.81 29.64 18.98
C LEU A 340 6.35 29.84 17.58
N GLY A 341 7.52 30.49 17.46
CA GLY A 341 8.14 30.80 16.18
C GLY A 341 9.62 30.48 16.10
N ALA A 342 10.23 30.83 14.97
CA ALA A 342 11.66 30.62 14.75
C ALA A 342 12.33 31.98 14.75
N LEU A 343 13.16 32.22 15.76
CA LEU A 343 13.74 33.52 16.00
C LEU A 343 15.26 33.46 16.08
N ASP A 344 15.90 34.54 15.62
CA ASP A 344 17.34 34.72 15.77
C ASP A 344 17.56 35.41 17.12
N GLN A 345 17.44 34.63 18.20
CA GLN A 345 17.38 35.18 19.54
C GLN A 345 18.63 34.77 20.33
N PRO A 346 19.21 35.71 21.09
CA PRO A 346 20.36 35.37 21.92
C PRO A 346 19.94 34.56 23.13
N MET A 347 20.90 33.84 23.70
CA MET A 347 20.62 32.87 24.74
C MET A 347 19.70 33.35 25.87
N ASP A 348 19.79 34.61 26.27
CA ASP A 348 18.91 35.12 27.32
C ASP A 348 17.43 35.18 26.91
N GLU A 349 17.16 35.36 25.61
CA GLU A 349 15.79 35.31 25.08
C GLU A 349 15.27 33.88 25.08
N ILE A 350 16.13 32.94 24.68
CA ILE A 350 15.81 31.51 24.71
C ILE A 350 15.41 31.11 26.12
N ARG A 351 16.17 31.60 27.09
CA ARG A 351 15.90 31.34 28.50
C ARG A 351 14.51 31.79 28.91
N LYS A 352 14.14 32.99 28.48
CA LYS A 352 12.87 33.58 28.89
C LYS A 352 11.69 33.09 28.06
N TYR A 353 11.93 32.87 26.77
CA TYR A 353 10.85 32.71 25.79
C TYR A 353 10.81 31.36 25.04
N GLY A 354 11.86 30.56 25.16
CA GLY A 354 11.97 29.33 24.37
C GLY A 354 12.55 28.12 25.05
N SER A 355 12.48 28.07 26.38
CA SER A 355 12.97 26.92 27.13
C SER A 355 11.80 26.06 27.56
N PHE A 356 11.97 24.74 27.52
CA PHE A 356 10.88 23.82 27.79
C PHE A 356 11.27 22.68 28.72
N ILE A 357 10.29 22.20 29.46
CA ILE A 357 10.42 21.05 30.32
C ILE A 357 9.73 19.87 29.64
N ILE A 358 10.48 18.81 29.40
CA ILE A 358 9.93 17.67 28.68
C ILE A 358 9.49 16.56 29.64
N GLN A 359 8.39 15.91 29.27
CA GLN A 359 7.90 14.76 30.00
C GLN A 359 7.51 13.70 28.97
N PRO A 360 7.90 12.44 29.18
CA PRO A 360 7.45 11.41 28.24
C PRO A 360 5.93 11.22 28.28
N CYS A 361 5.38 10.78 27.15
CA CYS A 361 3.95 10.54 27.02
C CYS A 361 3.74 9.42 26.01
N ASN A 362 3.74 8.18 26.49
CA ASN A 362 3.62 7.02 25.62
C ASN A 362 2.19 6.45 25.67
N THR A 363 1.63 6.21 24.50
CA THR A 363 0.29 5.64 24.34
C THR A 363 0.46 4.33 23.61
N PHE A 364 -0.60 3.53 23.55
CA PHE A 364 -0.63 2.36 22.68
C PHE A 364 -0.19 2.68 21.25
N ASP A 365 -0.66 3.81 20.74
CA ASP A 365 -0.45 4.20 19.35
C ASP A 365 0.91 4.80 19.03
N TYR A 366 1.48 5.56 19.96
CA TYR A 366 2.72 6.29 19.66
C TYR A 366 3.61 6.55 20.87
N TYR A 367 4.89 6.75 20.58
CA TYR A 367 5.86 7.25 21.52
C TYR A 367 5.92 8.76 21.36
N ALA A 368 5.52 9.50 22.38
CA ALA A 368 5.48 10.96 22.31
C ALA A 368 5.98 11.61 23.59
N SER A 369 5.89 12.94 23.62
CA SER A 369 6.26 13.74 24.78
C SER A 369 5.31 14.92 24.93
N GLN A 370 5.26 15.47 26.14
CA GLN A 370 4.61 16.74 26.39
C GLN A 370 5.69 17.77 26.71
N LEU A 371 5.45 19.01 26.29
CA LEU A 371 6.41 20.08 26.45
C LEU A 371 5.74 21.24 27.18
N PHE A 372 6.29 21.56 28.34
CA PHE A 372 5.81 22.68 29.14
C PHE A 372 6.77 23.84 29.03
N LEU A 373 6.23 25.05 28.91
CA LEU A 373 7.04 26.25 28.90
C LEU A 373 7.72 26.39 30.25
N SER A 374 9.04 26.53 30.23
CA SER A 374 9.82 26.74 31.43
C SER A 374 9.86 28.19 31.86
N SER A 375 9.71 28.44 33.15
CA SER A 375 9.98 29.77 33.71
C SER A 375 11.49 29.95 33.87
N ASN A 376 12.09 30.73 32.97
CA ASN A 376 13.52 31.07 33.05
C ASN A 376 14.45 29.85 33.17
N ALA A 377 14.16 28.81 32.40
CA ALA A 377 14.99 27.59 32.36
C ALA A 377 15.01 26.80 33.67
N THR A 378 14.02 27.05 34.52
CA THR A 378 13.82 26.25 35.72
C THR A 378 12.86 25.12 35.37
N THR A 379 12.55 24.30 36.36
CA THR A 379 11.62 23.21 36.22
C THR A 379 10.18 23.65 36.58
N ASN A 380 9.98 24.97 36.71
CA ASN A 380 8.68 25.55 37.02
C ASN A 380 7.93 25.79 35.71
N ARG A 381 6.72 25.22 35.61
CA ARG A 381 5.94 25.22 34.36
C ARG A 381 4.97 26.39 34.28
N LEU A 382 5.06 27.16 33.19
CA LEU A 382 4.18 28.32 32.97
C LEU A 382 3.03 28.04 31.99
N GLY A 383 3.20 27.05 31.12
CA GLY A 383 2.20 26.73 30.10
C GLY A 383 2.51 25.41 29.42
N ILE A 384 1.66 25.04 28.47
CA ILE A 384 1.85 23.81 27.70
C ILE A 384 1.84 24.07 26.19
N LEU A 385 2.72 23.38 25.48
CA LEU A 385 2.82 23.53 24.02
C LEU A 385 1.74 22.69 23.33
N SER A 386 0.84 23.37 22.61
CA SER A 386 -0.24 22.74 21.87
C SER A 386 -0.15 23.18 20.41
N ILE A 387 -1.24 22.99 19.66
CA ILE A 387 -1.28 23.33 18.25
C ILE A 387 -2.68 23.81 17.89
N GLY A 388 -2.77 24.68 16.89
CA GLY A 388 -4.08 25.11 16.43
C GLY A 388 -4.08 25.99 15.21
N SER A 389 -5.26 26.12 14.62
CA SER A 389 -5.47 26.92 13.43
C SER A 389 -5.97 28.29 13.83
N TYR A 390 -5.19 29.32 13.48
CA TYR A 390 -5.51 30.69 13.84
C TYR A 390 -5.31 31.61 12.65
N SER A 391 -6.10 32.66 12.60
CA SER A 391 -6.14 33.56 11.45
C SER A 391 -5.49 34.87 11.86
N PHE A 392 -4.29 35.13 11.33
CA PHE A 392 -3.53 36.33 11.66
C PHE A 392 -2.48 36.60 10.58
N LYS A 393 -1.58 37.54 10.83
CA LYS A 393 -0.63 37.98 9.80
C LYS A 393 0.81 37.57 10.13
N LEU A 394 1.46 36.90 9.18
CA LEU A 394 2.88 36.55 9.25
C LEU A 394 3.61 36.99 8.01
N GLY A 395 4.92 37.19 8.13
CA GLY A 395 5.78 37.50 6.99
C GLY A 395 5.36 38.79 6.31
N ASP A 396 5.12 38.70 5.00
CA ASP A 396 4.73 39.86 4.22
C ASP A 396 3.21 40.10 4.20
N ASP A 397 2.45 39.38 5.02
CA ASP A 397 1.03 39.69 5.18
C ASP A 397 0.89 41.15 5.61
N TYR A 398 -0.09 41.83 5.04
CA TYR A 398 -0.38 43.21 5.38
C TYR A 398 -1.88 43.48 5.47
N TRP A 399 -2.60 43.29 4.36
CA TRP A 399 -4.01 43.67 4.23
C TRP A 399 -4.99 42.69 4.90
N PHE A 400 -4.66 41.39 4.91
CA PHE A 400 -5.60 40.36 5.38
C PHE A 400 -4.99 39.31 6.31
N ASN A 401 -5.82 38.79 7.21
CA ASN A 401 -5.42 37.69 8.05
C ASN A 401 -5.53 36.42 7.23
N HIS A 402 -4.67 35.44 7.54
CA HIS A 402 -4.71 34.14 6.86
C HIS A 402 -4.68 33.04 7.88
N GLU A 403 -5.29 31.92 7.54
CA GLU A 403 -5.26 30.77 8.41
C GLU A 403 -3.86 30.16 8.39
N TYR A 404 -3.30 29.96 9.58
CA TYR A 404 -2.07 29.23 9.76
C TYR A 404 -2.24 28.20 10.85
N LEU A 405 -1.76 26.99 10.59
CA LEU A 405 -1.70 25.96 11.60
C LEU A 405 -0.35 26.06 12.29
N ILE A 406 -0.36 26.43 13.56
CA ILE A 406 0.86 26.84 14.27
C ILE A 406 1.01 26.12 15.60
N PRO A 407 2.26 25.97 16.07
CA PRO A 407 2.46 25.57 17.45
C PRO A 407 2.15 26.75 18.35
N VAL A 408 1.42 26.50 19.42
CA VAL A 408 0.92 27.58 20.27
C VAL A 408 1.00 27.17 21.74
N ILE A 409 1.41 28.11 22.59
CA ILE A 409 1.56 27.84 24.02
C ILE A 409 0.36 28.41 24.78
N LYS A 410 -0.28 27.55 25.56
CA LYS A 410 -1.40 27.93 26.40
C LYS A 410 -0.87 28.19 27.80
N ILE A 411 -0.84 29.48 28.18
CA ILE A 411 -0.22 29.93 29.42
C ILE A 411 -1.18 29.80 30.61
N GLU A 412 -0.63 29.37 31.74
CA GLU A 412 -1.29 29.37 33.05
C GLU A 412 -2.51 28.45 33.14
N HIS A 413 -3.59 28.78 32.45
CA HIS A 413 -4.85 28.05 32.55
C HIS A 413 -4.92 26.94 31.50
N TYR A 414 -4.08 25.92 31.65
CA TYR A 414 -3.93 24.85 30.65
C TYR A 414 -4.36 23.48 31.16
N ALA A 415 -5.13 23.47 32.24
CA ALA A 415 -5.53 22.21 32.89
C ALA A 415 -6.33 21.29 31.98
N SER A 416 -7.24 21.87 31.18
CA SER A 416 -8.05 21.08 30.24
C SER A 416 -7.22 20.44 29.12
N LEU A 417 -6.10 21.06 28.76
CA LEU A 417 -5.23 20.51 27.72
C LEU A 417 -4.30 19.39 28.16
N LEU A 418 -4.16 19.15 29.46
CA LEU A 418 -3.26 18.11 29.97
C LEU A 418 -3.56 16.73 29.37
N GLU A 419 -4.85 16.42 29.22
CA GLU A 419 -5.28 15.14 28.68
C GLU A 419 -5.51 15.22 27.17
N SER A 420 -5.29 16.40 26.60
CA SER A 420 -5.54 16.62 25.17
C SER A 420 -4.38 16.12 24.33
N THR A 421 -4.74 15.47 23.25
CA THR A 421 -3.80 14.80 22.39
C THR A 421 -3.04 15.82 21.50
N SER A 422 -3.55 17.06 21.45
CA SER A 422 -2.89 18.17 20.77
C SER A 422 -1.60 18.63 21.45
N THR A 423 -1.33 18.13 22.65
CA THR A 423 -0.10 18.44 23.36
C THR A 423 0.92 17.29 23.28
N HIS A 424 0.64 16.30 22.43
CA HIS A 424 1.53 15.15 22.30
C HIS A 424 2.42 15.32 21.07
N TRP A 425 3.71 15.53 21.29
CA TRP A 425 4.68 15.80 20.24
C TRP A 425 5.60 14.59 20.04
N VAL A 426 5.90 14.27 18.78
CA VAL A 426 6.79 13.16 18.46
C VAL A 426 7.98 13.65 17.65
N PHE A 427 9.06 12.89 17.69
CA PHE A 427 10.29 13.29 17.02
C PHE A 427 10.78 12.15 16.14
N VAL A 428 10.73 12.34 14.82
CA VAL A 428 11.16 11.32 13.84
C VAL A 428 12.58 11.65 13.39
N PRO A 429 13.53 10.69 13.54
CA PRO A 429 14.91 10.93 13.10
C PRO A 429 14.98 11.35 11.64
N ALA A 430 15.75 12.39 11.35
CA ALA A 430 15.87 12.89 10.00
C ALA A 430 17.28 12.66 9.40
N SER A 431 18.08 11.81 10.06
CA SER A 431 19.43 11.36 9.60
C SER A 431 20.21 12.38 8.78
N SER B 10 18.40 4.10 -18.76
CA SER B 10 18.91 3.39 -19.97
C SER B 10 17.94 2.34 -20.54
N ILE B 11 16.65 2.47 -20.23
CA ILE B 11 15.59 1.84 -21.02
C ILE B 11 15.12 2.85 -22.05
N ASN B 12 15.08 4.13 -21.66
CA ASN B 12 14.75 5.22 -22.57
C ASN B 12 16.00 5.93 -23.02
N ASP B 13 16.89 5.15 -23.63
CA ASP B 13 18.05 5.67 -24.33
C ASP B 13 18.06 5.30 -25.81
N SER B 14 17.40 4.19 -26.15
CA SER B 14 17.45 3.64 -27.49
C SER B 14 16.21 3.99 -28.32
N LYS B 15 15.43 4.96 -27.86
CA LYS B 15 14.16 5.27 -28.48
C LYS B 15 14.35 6.03 -29.79
N ILE B 16 13.93 5.43 -30.91
CA ILE B 16 14.11 6.04 -32.23
C ILE B 16 12.83 6.50 -32.90
N LEU B 17 11.69 6.17 -32.29
CA LEU B 17 10.39 6.68 -32.73
C LEU B 17 9.51 6.75 -31.50
N SER B 18 8.74 7.82 -31.40
CA SER B 18 7.94 8.08 -30.22
C SER B 18 6.68 8.81 -30.67
N LEU B 19 5.64 8.06 -30.98
CA LEU B 19 4.43 8.65 -31.53
C LEU B 19 3.47 9.07 -30.42
N GLN B 20 3.26 10.37 -30.27
CA GLN B 20 2.49 10.92 -29.15
C GLN B 20 1.63 12.10 -29.53
N ASN B 21 0.51 12.24 -28.84
CA ASN B 21 -0.33 13.42 -28.95
C ASN B 21 0.33 14.53 -28.14
N LYS B 22 0.68 15.62 -28.81
CA LYS B 22 1.32 16.76 -28.17
C LYS B 22 0.60 18.03 -28.60
N LYS B 23 -0.09 18.66 -27.65
CA LYS B 23 -0.93 19.83 -27.93
C LYS B 23 -1.90 19.54 -29.08
N ASN B 24 -2.55 18.38 -28.99
CA ASN B 24 -3.55 17.93 -29.95
C ASN B 24 -3.02 17.80 -31.38
N THR B 25 -1.80 17.29 -31.49
CA THR B 25 -1.19 16.96 -32.77
C THR B 25 -0.31 15.73 -32.61
N LEU B 26 -0.52 14.72 -33.43
CA LEU B 26 0.35 13.54 -33.41
C LEU B 26 1.69 13.88 -34.05
N MET B 27 2.77 13.55 -33.35
CA MET B 27 4.11 13.81 -33.85
C MET B 27 5.08 12.79 -33.29
N ASP B 28 6.27 12.76 -33.88
CA ASP B 28 7.38 11.98 -33.37
C ASP B 28 8.16 12.89 -32.42
N THR B 29 8.24 12.49 -31.15
CA THR B 29 8.93 13.26 -30.12
C THR B 29 10.30 12.67 -29.74
N SER B 30 10.79 11.71 -30.52
CA SER B 30 12.02 11.00 -30.18
C SER B 30 13.28 11.83 -30.41
N GLY B 31 13.21 12.77 -31.36
CA GLY B 31 14.38 13.51 -31.81
C GLY B 31 14.78 13.16 -33.25
N TYR B 32 14.28 12.02 -33.74
CA TYR B 32 14.64 11.57 -35.07
C TYR B 32 13.65 12.02 -36.15
N ASN B 33 12.61 12.75 -35.75
CA ASN B 33 11.75 13.53 -36.65
C ASN B 33 11.18 12.82 -37.87
N ALA B 34 10.37 11.80 -37.63
CA ALA B 34 9.59 11.19 -38.69
C ALA B 34 8.38 12.09 -38.99
N GLU B 35 7.95 12.06 -40.25
CA GLU B 35 6.73 12.75 -40.66
C GLU B 35 5.53 11.93 -40.21
N VAL B 36 4.54 12.60 -39.63
CA VAL B 36 3.29 11.96 -39.24
C VAL B 36 2.16 12.67 -39.98
N ARG B 37 1.41 11.91 -40.77
CA ARG B 37 0.22 12.44 -41.45
C ARG B 37 -1.02 11.76 -40.89
N VAL B 38 -2.05 12.58 -40.69
CA VAL B 38 -3.34 12.11 -40.16
C VAL B 38 -4.40 12.39 -41.22
N GLU B 39 -5.17 11.38 -41.58
CA GLU B 39 -6.21 11.50 -42.60
C GLU B 39 -7.50 10.85 -42.13
N GLY B 40 -8.64 11.41 -42.52
CA GLY B 40 -9.94 10.81 -42.24
C GLY B 40 -10.33 10.98 -40.79
N ASN B 41 -11.24 10.12 -40.32
CA ASN B 41 -11.81 10.21 -38.99
C ASN B 41 -10.88 9.62 -37.92
N VAL B 42 -10.00 10.47 -37.40
CA VAL B 42 -9.09 10.15 -36.31
C VAL B 42 -9.44 11.09 -35.16
N GLN B 43 -9.77 10.54 -33.99
CA GLN B 43 -10.06 11.35 -32.80
C GLN B 43 -8.91 11.27 -31.82
N LEU B 44 -8.44 12.44 -31.37
CA LEU B 44 -7.37 12.53 -30.37
C LEU B 44 -7.97 12.86 -29.03
N ASN B 45 -7.50 12.18 -27.99
CA ASN B 45 -8.02 12.37 -26.64
C ASN B 45 -7.24 13.50 -25.97
N PRO B 46 -7.93 14.60 -25.60
CA PRO B 46 -7.21 15.73 -24.98
C PRO B 46 -6.72 15.46 -23.54
N ILE B 47 -7.30 14.48 -22.85
CA ILE B 47 -6.81 14.10 -21.52
C ILE B 47 -6.04 12.78 -21.59
N PHE B 48 -5.37 12.45 -20.49
CA PHE B 48 -4.62 11.20 -20.37
C PHE B 48 -5.56 10.02 -20.65
N PRO B 49 -5.09 8.96 -21.31
CA PRO B 49 -3.70 8.75 -21.76
C PRO B 49 -3.34 9.32 -23.14
N PHE B 50 -4.06 10.34 -23.61
CA PHE B 50 -3.74 11.03 -24.87
C PHE B 50 -3.72 10.10 -26.09
N ASP B 51 -4.71 9.22 -26.14
CA ASP B 51 -4.79 8.19 -27.17
C ASP B 51 -5.39 8.75 -28.45
N PHE B 52 -5.13 8.04 -29.55
CA PHE B 52 -5.82 8.30 -30.81
C PHE B 52 -6.69 7.11 -31.16
N LYS B 53 -7.82 7.39 -31.80
CA LYS B 53 -8.89 6.42 -32.03
C LYS B 53 -9.23 6.28 -33.50
N LEU B 54 -9.23 5.04 -33.98
CA LEU B 54 -9.59 4.74 -35.38
C LEU B 54 -10.75 3.76 -35.37
N GLY B 55 -11.51 3.74 -36.45
CA GLY B 55 -12.60 2.79 -36.65
C GLY B 55 -12.45 2.06 -37.97
N SER B 56 -13.28 1.03 -38.17
CA SER B 56 -13.22 0.22 -39.38
C SER B 56 -14.25 0.63 -40.45
N SER B 57 -15.21 1.49 -40.11
CA SER B 57 -16.30 1.87 -41.02
C SER B 57 -15.99 3.08 -41.89
N GLY B 58 -16.39 3.00 -43.16
CA GLY B 58 -16.30 4.13 -44.08
C GLY B 58 -15.05 4.11 -44.92
N ASP B 59 -15.04 4.96 -45.95
CA ASP B 59 -13.84 5.25 -46.72
C ASP B 59 -13.05 6.35 -46.03
N ASP B 60 -13.77 7.20 -45.29
CA ASP B 60 -13.23 8.24 -44.44
C ASP B 60 -12.76 7.69 -43.08
N ARG B 61 -12.26 6.46 -43.09
CA ARG B 61 -12.25 5.63 -41.87
C ARG B 61 -11.19 5.97 -40.82
N GLY B 62 -10.08 6.59 -41.22
CA GLY B 62 -9.08 7.01 -40.25
C GLY B 62 -7.74 6.36 -40.54
N LYS B 63 -6.73 7.19 -40.77
CA LYS B 63 -5.43 6.71 -41.24
C LYS B 63 -4.28 7.58 -40.73
N VAL B 64 -3.33 6.96 -40.05
CA VAL B 64 -2.10 7.62 -39.58
C VAL B 64 -0.90 7.03 -40.32
N ILE B 65 -0.22 7.84 -41.11
CA ILE B 65 0.97 7.41 -41.84
C ILE B 65 2.23 8.02 -41.22
N VAL B 66 3.13 7.15 -40.78
CA VAL B 66 4.39 7.58 -40.18
C VAL B 66 5.50 7.22 -41.15
N THR B 67 6.17 8.25 -41.67
CA THR B 67 7.17 8.08 -42.71
C THR B 67 8.55 8.49 -42.19
N GLN B 68 9.43 7.50 -42.03
CA GLN B 68 10.82 7.74 -41.65
C GLN B 68 11.62 8.24 -42.85
N ASN B 69 12.51 9.20 -42.64
CA ASN B 69 13.34 9.72 -43.73
C ASN B 69 14.58 8.82 -43.89
N GLU B 70 15.63 9.33 -44.53
CA GLU B 70 16.86 8.56 -44.77
C GLU B 70 17.90 8.65 -43.62
N ASN B 71 17.43 8.83 -42.38
CA ASN B 71 18.29 8.81 -41.20
C ASN B 71 18.80 7.40 -40.92
N ILE B 72 20.13 7.23 -40.80
CA ILE B 72 20.71 5.88 -40.67
C ILE B 72 20.36 5.14 -39.38
N VAL B 73 19.83 5.84 -38.38
CA VAL B 73 19.44 5.17 -37.14
C VAL B 73 18.45 4.03 -37.40
N TYR B 74 17.66 4.17 -38.46
CA TYR B 74 16.66 3.17 -38.82
C TYR B 74 17.27 1.83 -39.29
N ASN B 75 18.57 1.82 -39.59
CA ASN B 75 19.25 0.55 -39.88
C ASN B 75 19.36 -0.40 -38.69
N ALA B 76 18.98 0.05 -37.49
CA ALA B 76 18.89 -0.86 -36.35
C ALA B 76 17.85 -1.94 -36.56
N MET B 77 16.92 -1.74 -37.50
CA MET B 77 15.92 -2.74 -37.81
C MET B 77 16.59 -4.04 -38.26
N TYR B 78 17.77 -3.95 -38.88
CA TYR B 78 18.47 -5.12 -39.40
C TYR B 78 19.28 -5.86 -38.33
N GLU B 79 19.45 -5.26 -37.16
CA GLU B 79 20.14 -5.90 -36.05
C GLU B 79 19.11 -6.29 -35.02
N SER B 80 18.74 -5.34 -34.17
CA SER B 80 17.79 -5.56 -33.09
C SER B 80 16.86 -4.38 -32.98
N PHE B 81 15.59 -4.65 -32.68
CA PHE B 81 14.65 -3.57 -32.42
C PHE B 81 13.50 -4.06 -31.57
N SER B 82 12.79 -3.12 -30.97
CA SER B 82 11.63 -3.41 -30.15
C SER B 82 10.51 -2.45 -30.49
N ILE B 83 9.28 -2.96 -30.49
CA ILE B 83 8.08 -2.17 -30.75
C ILE B 83 7.16 -2.28 -29.55
N SER B 84 6.70 -1.13 -29.08
CA SER B 84 6.01 -1.05 -27.81
C SER B 84 4.83 -0.10 -27.95
N PHE B 85 3.66 -0.49 -27.44
CA PHE B 85 2.48 0.39 -27.48
C PHE B 85 1.33 -0.10 -26.62
N TRP B 86 0.51 0.83 -26.18
CA TRP B 86 -0.77 0.52 -25.55
C TRP B 86 -1.85 0.44 -26.64
N ILE B 87 -2.75 -0.52 -26.49
CA ILE B 87 -3.81 -0.72 -27.47
C ILE B 87 -5.09 -1.25 -26.84
N ARG B 88 -6.22 -0.79 -27.36
CA ARG B 88 -7.52 -1.27 -26.95
C ARG B 88 -8.37 -1.48 -28.17
N ILE B 89 -9.12 -2.59 -28.19
CA ILE B 89 -10.01 -2.91 -29.29
C ILE B 89 -11.42 -3.17 -28.74
N ASN B 90 -12.45 -2.67 -29.42
CA ASN B 90 -13.82 -2.91 -29.02
C ASN B 90 -14.74 -2.96 -30.24
N LYS B 91 -15.58 -3.98 -30.39
CA LYS B 91 -15.71 -5.15 -29.50
C LYS B 91 -14.86 -6.32 -30.03
N TRP B 92 -13.78 -6.67 -29.33
CA TRP B 92 -12.88 -7.73 -29.81
C TRP B 92 -13.44 -9.09 -29.49
N VAL B 93 -14.38 -9.51 -30.34
CA VAL B 93 -15.09 -10.77 -30.17
C VAL B 93 -14.27 -11.97 -30.63
N SER B 94 -14.64 -13.13 -30.10
CA SER B 94 -13.94 -14.37 -30.30
C SER B 94 -13.79 -14.74 -31.76
N ASN B 95 -14.81 -14.42 -32.57
CA ASN B 95 -14.84 -14.80 -34.00
C ASN B 95 -14.62 -13.62 -34.96
N LEU B 96 -13.84 -12.65 -34.52
CA LEU B 96 -13.57 -11.44 -35.32
C LEU B 96 -12.94 -11.82 -36.65
N PRO B 97 -13.38 -11.18 -37.75
CA PRO B 97 -12.71 -11.37 -39.03
C PRO B 97 -11.28 -10.84 -39.00
N GLY B 98 -10.48 -11.21 -39.99
CA GLY B 98 -9.10 -10.71 -40.09
C GLY B 98 -9.09 -9.21 -40.29
N TYR B 99 -8.12 -8.53 -39.66
CA TYR B 99 -7.87 -7.11 -39.90
C TYR B 99 -6.38 -6.86 -39.80
N THR B 100 -5.83 -6.13 -40.77
CA THR B 100 -4.53 -5.50 -40.58
C THR B 100 -4.77 -4.15 -39.91
N ILE B 101 -3.97 -3.85 -38.88
CA ILE B 101 -4.16 -2.64 -38.08
C ILE B 101 -2.93 -1.72 -38.06
N ILE B 102 -1.74 -2.32 -38.04
CA ILE B 102 -0.49 -1.55 -38.10
C ILE B 102 0.41 -2.24 -39.10
N ASP B 103 0.68 -1.57 -40.21
CA ASP B 103 1.39 -2.18 -41.35
C ASP B 103 2.66 -1.42 -41.72
N SER B 104 3.75 -2.16 -41.80
CA SER B 104 5.00 -1.64 -42.33
C SER B 104 5.58 -2.64 -43.32
N VAL B 105 4.79 -2.95 -44.34
CA VAL B 105 5.19 -3.87 -45.39
C VAL B 105 5.24 -3.09 -46.70
N LYS B 106 6.31 -3.31 -47.47
CA LYS B 106 6.53 -2.63 -48.73
C LYS B 106 7.23 -3.62 -49.66
N ASN B 107 6.67 -3.81 -50.85
CA ASN B 107 7.22 -4.76 -51.83
C ASN B 107 7.48 -6.14 -51.23
N ASN B 108 6.46 -6.67 -50.56
CA ASN B 108 6.50 -8.00 -49.96
C ASN B 108 7.58 -8.25 -48.91
N SER B 109 8.00 -7.21 -48.19
CA SER B 109 8.79 -7.43 -46.98
C SER B 109 8.64 -6.28 -45.99
N GLY B 110 9.04 -6.55 -44.75
CA GLY B 110 8.86 -5.63 -43.63
C GLY B 110 8.26 -6.35 -42.43
N TRP B 111 7.33 -5.71 -41.75
CA TRP B 111 6.57 -6.35 -40.66
C TRP B 111 5.15 -5.82 -40.63
N SER B 112 4.28 -6.57 -39.97
CA SER B 112 2.87 -6.23 -39.91
C SER B 112 2.27 -6.68 -38.58
N ILE B 113 1.25 -5.95 -38.13
CA ILE B 113 0.46 -6.35 -36.97
C ILE B 113 -1.00 -6.43 -37.39
N GLY B 114 -1.59 -7.60 -37.15
CA GLY B 114 -2.99 -7.82 -37.48
C GLY B 114 -3.72 -8.53 -36.35
N ILE B 115 -5.03 -8.56 -36.46
CA ILE B 115 -5.86 -9.30 -35.52
C ILE B 115 -6.86 -10.17 -36.28
N ILE B 116 -7.14 -11.33 -35.72
CA ILE B 116 -8.12 -12.24 -36.27
C ILE B 116 -8.58 -13.15 -35.14
N SER B 117 -9.89 -13.40 -35.09
CA SER B 117 -10.47 -14.15 -33.98
C SER B 117 -9.96 -13.58 -32.67
N ASN B 118 -9.44 -14.42 -31.78
CA ASN B 118 -8.93 -13.93 -30.51
C ASN B 118 -7.41 -13.73 -30.52
N PHE B 119 -6.85 -13.54 -31.71
CA PHE B 119 -5.41 -13.43 -31.90
C PHE B 119 -4.98 -12.01 -32.24
N LEU B 120 -3.87 -11.59 -31.65
CA LEU B 120 -3.10 -10.46 -32.17
C LEU B 120 -1.74 -11.01 -32.61
N VAL B 121 -1.41 -10.75 -33.87
CA VAL B 121 -0.32 -11.42 -34.54
C VAL B 121 0.69 -10.39 -35.02
N PHE B 122 1.96 -10.64 -34.72
CA PHE B 122 3.06 -9.88 -35.30
C PHE B 122 3.73 -10.75 -36.34
N THR B 123 3.86 -10.20 -37.55
CA THR B 123 4.42 -10.91 -38.68
C THR B 123 5.69 -10.21 -39.13
N LEU B 124 6.77 -11.00 -39.19
CA LEU B 124 8.03 -10.56 -39.78
C LEU B 124 8.09 -11.17 -41.19
N LYS B 125 8.01 -10.32 -42.20
CA LYS B 125 7.91 -10.77 -43.60
C LYS B 125 9.22 -10.56 -44.36
N GLN B 126 9.87 -11.66 -44.72
CA GLN B 126 11.12 -11.60 -45.47
C GLN B 126 10.88 -11.40 -46.97
N ASN B 127 10.02 -12.22 -47.56
CA ASN B 127 9.65 -12.07 -48.99
C ASN B 127 8.24 -12.62 -49.20
N GLU B 128 7.77 -12.60 -50.44
CA GLU B 128 6.42 -13.06 -50.78
C GLU B 128 6.13 -14.50 -50.37
N ASN B 129 7.17 -15.33 -50.25
CA ASN B 129 6.95 -16.74 -49.90
C ASN B 129 7.45 -17.17 -48.50
N SER B 130 8.24 -16.33 -47.82
CA SER B 130 8.63 -16.60 -46.43
C SER B 130 8.23 -15.48 -45.46
N GLU B 131 7.54 -15.85 -44.39
CA GLU B 131 7.12 -14.90 -43.38
C GLU B 131 6.83 -15.64 -42.06
N GLN B 132 7.38 -15.13 -40.97
CA GLN B 132 7.23 -15.76 -39.66
C GLN B 132 6.30 -14.93 -38.82
N ASP B 133 5.56 -15.58 -37.92
CA ASP B 133 4.73 -14.84 -36.98
C ASP B 133 4.70 -15.42 -35.57
N ILE B 134 4.41 -14.52 -34.63
CA ILE B 134 4.23 -14.83 -33.23
C ILE B 134 2.96 -14.12 -32.82
N ASN B 135 2.30 -14.63 -31.78
CA ASN B 135 1.02 -14.06 -31.40
C ASN B 135 0.64 -14.19 -29.94
N PHE B 136 -0.33 -13.37 -29.59
CA PHE B 136 -1.03 -13.44 -28.32
C PHE B 136 -2.46 -13.84 -28.65
N SER B 137 -2.94 -14.87 -27.98
CA SER B 137 -4.32 -15.29 -28.09
C SER B 137 -4.95 -15.15 -26.73
N TYR B 138 -5.96 -14.29 -26.62
CA TYR B 138 -6.58 -14.06 -25.33
C TYR B 138 -7.45 -15.23 -24.92
N ASP B 139 -7.57 -15.44 -23.61
CA ASP B 139 -8.35 -16.54 -23.07
C ASP B 139 -9.84 -16.22 -23.22
N ILE B 140 -10.49 -16.96 -24.12
CA ILE B 140 -11.90 -16.76 -24.45
C ILE B 140 -12.80 -17.03 -23.25
N SER B 141 -12.46 -18.06 -22.46
CA SER B 141 -13.28 -18.47 -21.33
C SER B 141 -13.38 -17.35 -20.28
N LYS B 142 -12.36 -16.49 -20.18
CA LYS B 142 -12.37 -15.39 -19.21
C LYS B 142 -12.79 -14.05 -19.80
N ASN B 143 -13.22 -14.04 -21.06
CA ASN B 143 -13.60 -12.79 -21.72
C ASN B 143 -14.82 -12.97 -22.61
N ALA B 144 -15.85 -13.59 -22.02
CA ALA B 144 -17.07 -13.95 -22.74
C ALA B 144 -17.64 -12.80 -23.56
N ALA B 145 -17.50 -11.57 -23.07
CA ALA B 145 -18.03 -10.39 -23.76
C ALA B 145 -17.01 -9.67 -24.64
N GLY B 146 -15.90 -10.34 -24.98
CA GLY B 146 -14.83 -9.74 -25.79
C GLY B 146 -13.70 -9.13 -24.99
N TYR B 147 -12.49 -9.21 -25.52
CA TYR B 147 -11.31 -8.65 -24.87
C TYR B 147 -11.23 -7.16 -25.21
N ASN B 148 -12.02 -6.37 -24.49
CA ASN B 148 -12.18 -4.95 -24.79
C ASN B 148 -11.40 -4.04 -23.83
N LYS B 149 -10.31 -4.57 -23.29
CA LYS B 149 -9.53 -3.87 -22.29
C LYS B 149 -8.21 -3.37 -22.90
N TRP B 150 -7.69 -2.30 -22.34
CA TRP B 150 -6.36 -1.81 -22.69
C TRP B 150 -5.36 -2.90 -22.35
N PHE B 151 -4.41 -3.13 -23.26
CA PHE B 151 -3.26 -3.94 -22.92
C PHE B 151 -2.00 -3.39 -23.56
N PHE B 152 -0.87 -3.76 -22.98
CA PHE B 152 0.41 -3.23 -23.37
C PHE B 152 1.19 -4.29 -24.13
N VAL B 153 1.46 -3.99 -25.39
CA VAL B 153 2.17 -4.90 -26.27
C VAL B 153 3.63 -4.51 -26.32
N THR B 154 4.52 -5.49 -26.24
CA THR B 154 5.93 -5.28 -26.49
C THR B 154 6.51 -6.41 -27.34
N ILE B 155 7.01 -6.04 -28.50
CA ILE B 155 7.58 -6.99 -29.45
C ILE B 155 9.07 -6.69 -29.56
N THR B 156 9.90 -7.69 -29.30
CA THR B 156 11.35 -7.56 -29.43
C THR B 156 11.81 -8.52 -30.50
N THR B 157 12.67 -8.03 -31.40
CA THR B 157 13.20 -8.83 -32.48
C THR B 157 14.72 -8.73 -32.53
N ASN B 158 15.36 -9.88 -32.65
CA ASN B 158 16.80 -9.96 -32.87
C ASN B 158 17.07 -10.77 -34.13
N MET B 159 17.55 -10.10 -35.17
CA MET B 159 17.76 -10.73 -36.48
C MET B 159 18.76 -11.88 -36.50
N MET B 160 19.59 -11.98 -35.46
CA MET B 160 20.50 -13.10 -35.30
C MET B 160 20.11 -13.90 -34.06
N GLY B 161 18.85 -13.82 -33.66
CA GLY B 161 18.39 -14.39 -32.40
C GLY B 161 16.91 -14.70 -32.40
N ASN B 162 16.21 -14.21 -31.39
CA ASN B 162 14.80 -14.51 -31.21
C ASN B 162 13.87 -13.35 -31.53
N MET B 163 12.60 -13.69 -31.66
CA MET B 163 11.53 -12.79 -32.04
C MET B 163 10.43 -13.06 -31.04
N MET B 164 10.15 -12.10 -30.16
CA MET B 164 9.33 -12.32 -28.96
C MET B 164 8.20 -11.31 -28.82
N ILE B 165 7.10 -11.74 -28.21
CA ILE B 165 6.00 -10.84 -27.91
C ILE B 165 5.60 -10.97 -26.45
N TYR B 166 5.50 -9.82 -25.78
CA TYR B 166 5.06 -9.72 -24.39
C TYR B 166 3.73 -8.99 -24.35
N ILE B 167 2.90 -9.36 -23.38
CA ILE B 167 1.63 -8.68 -23.13
C ILE B 167 1.62 -8.33 -21.65
N ASN B 168 1.38 -7.06 -21.36
CA ASN B 168 1.44 -6.55 -19.98
C ASN B 168 2.69 -7.01 -19.24
N GLY B 169 3.83 -6.98 -19.92
CA GLY B 169 5.11 -7.31 -19.31
C GLY B 169 5.41 -8.78 -19.14
N LYS B 170 4.50 -9.66 -19.56
CA LYS B 170 4.72 -11.10 -19.44
C LYS B 170 4.98 -11.70 -20.82
N LEU B 171 6.02 -12.54 -20.91
CA LEU B 171 6.38 -13.18 -22.18
C LEU B 171 5.33 -14.20 -22.62
N ILE B 172 4.92 -14.12 -23.88
CA ILE B 172 3.84 -14.97 -24.40
C ILE B 172 4.28 -15.95 -25.48
N ASP B 173 5.16 -15.54 -26.37
CA ASP B 173 5.50 -16.36 -27.52
C ASP B 173 6.86 -15.97 -28.09
N THR B 174 7.68 -16.98 -28.37
CA THR B 174 9.05 -16.81 -28.86
C THR B 174 9.28 -17.73 -30.05
N ILE B 175 9.98 -17.25 -31.06
CA ILE B 175 10.47 -18.12 -32.13
C ILE B 175 11.81 -17.62 -32.64
N LYS B 176 12.62 -18.55 -33.11
CA LYS B 176 13.92 -18.25 -33.68
C LYS B 176 13.67 -17.58 -35.04
N VAL B 177 14.41 -16.53 -35.34
CA VAL B 177 14.31 -15.86 -36.63
C VAL B 177 15.08 -16.65 -37.67
N LYS B 178 14.52 -16.75 -38.88
CA LYS B 178 15.22 -17.35 -40.00
C LYS B 178 16.31 -16.38 -40.39
N GLU B 179 17.50 -16.64 -39.87
CA GLU B 179 18.59 -15.66 -39.88
C GLU B 179 19.33 -15.65 -41.20
N LEU B 180 19.28 -16.76 -41.92
CA LEU B 180 19.98 -16.90 -43.19
C LEU B 180 19.15 -16.38 -44.37
N THR B 181 18.12 -15.56 -44.10
CA THR B 181 17.30 -14.96 -45.16
C THR B 181 17.16 -13.44 -44.94
N GLY B 182 17.72 -12.65 -45.85
CA GLY B 182 17.73 -11.18 -45.73
C GLY B 182 16.39 -10.58 -46.11
N ILE B 183 16.18 -9.31 -45.72
CA ILE B 183 14.89 -8.61 -45.93
C ILE B 183 15.08 -7.10 -46.03
N ASN B 184 14.03 -6.44 -46.52
CA ASN B 184 13.99 -4.99 -46.68
C ASN B 184 12.90 -4.42 -45.80
N PHE B 185 13.27 -3.49 -44.93
CA PHE B 185 12.29 -2.84 -44.05
C PHE B 185 11.72 -1.60 -44.70
N SER B 186 10.42 -1.41 -44.51
CA SER B 186 9.74 -0.25 -45.02
C SER B 186 10.03 0.93 -44.12
N LYS B 187 10.03 2.12 -44.71
CA LYS B 187 10.22 3.37 -43.97
C LYS B 187 8.87 3.99 -43.62
N THR B 188 7.78 3.29 -43.94
CA THR B 188 6.44 3.76 -43.65
C THR B 188 5.77 2.82 -42.67
N ILE B 189 5.03 3.40 -41.72
CA ILE B 189 4.19 2.66 -40.80
C ILE B 189 2.79 3.25 -40.85
N THR B 190 1.81 2.40 -41.17
CA THR B 190 0.47 2.85 -41.44
C THR B 190 -0.50 2.25 -40.43
N PHE B 191 -1.11 3.11 -39.63
CA PHE B 191 -2.13 2.72 -38.67
C PHE B 191 -3.48 2.89 -39.35
N GLN B 192 -4.11 1.77 -39.69
CA GLN B 192 -5.40 1.80 -40.35
C GLN B 192 -6.03 0.41 -40.25
N MET B 193 -7.32 0.40 -39.95
CA MET B 193 -8.04 -0.85 -39.76
C MET B 193 -8.56 -1.34 -41.10
N ASN B 194 -7.82 -2.29 -41.69
CA ASN B 194 -8.12 -2.79 -43.02
C ASN B 194 -8.52 -4.25 -42.97
N LYS B 195 -9.78 -4.51 -43.31
CA LYS B 195 -10.34 -5.85 -43.29
C LYS B 195 -9.69 -6.73 -44.34
N ILE B 196 -9.66 -8.03 -44.09
CA ILE B 196 -9.11 -8.99 -45.06
C ILE B 196 -9.84 -10.32 -44.93
N ASP B 207 -20.54 -5.83 -36.30
CA ASP B 207 -19.63 -5.90 -37.45
C ASP B 207 -18.48 -4.89 -37.36
N ASN B 208 -18.80 -3.65 -36.97
CA ASN B 208 -17.84 -2.56 -36.94
C ASN B 208 -17.09 -2.36 -35.62
N ILE B 209 -15.78 -2.15 -35.71
CA ILE B 209 -14.92 -2.09 -34.52
C ILE B 209 -14.13 -0.80 -34.41
N ASN B 210 -13.76 -0.46 -33.17
CA ASN B 210 -12.90 0.69 -32.87
C ASN B 210 -11.57 0.23 -32.26
N MET B 211 -10.59 1.10 -32.33
CA MET B 211 -9.25 0.80 -31.88
C MET B 211 -8.59 2.05 -31.32
N TRP B 212 -8.04 1.95 -30.12
CA TRP B 212 -7.34 3.05 -29.48
C TRP B 212 -5.87 2.69 -29.36
N ILE B 213 -5.00 3.68 -29.58
CA ILE B 213 -3.55 3.50 -29.42
C ILE B 213 -2.95 4.70 -28.68
N ARG B 214 -1.98 4.44 -27.81
CA ARG B 214 -1.17 5.52 -27.26
C ARG B 214 0.25 5.08 -26.92
N ASP B 215 1.18 6.03 -27.01
CA ASP B 215 2.58 5.80 -26.70
C ASP B 215 3.20 4.68 -27.54
N PHE B 216 3.11 4.83 -28.85
CA PHE B 216 3.71 3.88 -29.77
C PHE B 216 5.19 4.21 -29.94
N TYR B 217 6.05 3.36 -29.38
CA TYR B 217 7.50 3.56 -29.37
C TYR B 217 8.23 2.48 -30.16
N ILE B 218 9.31 2.87 -30.84
CA ILE B 218 10.27 1.92 -31.38
C ILE B 218 11.63 2.16 -30.75
N PHE B 219 12.28 1.08 -30.31
CA PHE B 219 13.62 1.13 -29.71
C PHE B 219 14.61 0.43 -30.62
N ALA B 220 15.83 0.97 -30.70
CA ALA B 220 16.89 0.40 -31.53
C ALA B 220 17.70 -0.66 -30.81
N LYS B 221 17.07 -1.43 -29.93
CA LYS B 221 17.72 -2.58 -29.33
C LYS B 221 16.68 -3.56 -28.85
N GLU B 222 17.15 -4.74 -28.46
CA GLU B 222 16.28 -5.79 -27.94
C GLU B 222 16.08 -5.57 -26.45
N LEU B 223 14.92 -5.04 -26.06
CA LEU B 223 14.62 -4.86 -24.64
C LEU B 223 14.52 -6.20 -23.95
N ASP B 224 14.97 -6.27 -22.72
CA ASP B 224 14.88 -7.51 -21.92
C ASP B 224 13.69 -7.46 -20.98
N ASP B 225 13.46 -8.55 -20.26
CA ASP B 225 12.30 -8.71 -19.39
C ASP B 225 12.17 -7.60 -18.35
N LYS B 226 13.30 -7.17 -17.79
CA LYS B 226 13.31 -6.18 -16.72
C LYS B 226 12.94 -4.80 -17.25
N ASP B 227 13.56 -4.42 -18.36
CA ASP B 227 13.30 -3.12 -18.99
C ASP B 227 11.86 -2.98 -19.42
N ILE B 228 11.28 -4.06 -19.94
CA ILE B 228 9.90 -4.06 -20.41
C ILE B 228 8.93 -3.79 -19.26
N ASN B 229 9.19 -4.40 -18.10
CA ASN B 229 8.32 -4.18 -16.95
C ASN B 229 8.50 -2.80 -16.33
N ILE B 230 9.72 -2.27 -16.39
CA ILE B 230 9.96 -0.89 -15.98
C ILE B 230 9.18 0.04 -16.91
N LEU B 231 9.26 -0.23 -18.21
CA LEU B 231 8.55 0.56 -19.20
C LEU B 231 7.04 0.48 -18.97
N PHE B 232 6.56 -0.75 -18.84
CA PHE B 232 5.15 -1.05 -18.56
C PHE B 232 4.61 -0.14 -17.46
N ASN B 233 5.26 -0.18 -16.30
CA ASN B 233 4.78 0.58 -15.12
C ASN B 233 4.98 2.08 -15.23
N SER B 234 6.04 2.51 -15.91
CA SER B 234 6.33 3.93 -16.07
C SER B 234 5.27 4.68 -16.87
N LEU B 235 4.46 3.96 -17.65
CA LEU B 235 3.42 4.56 -18.48
C LEU B 235 2.01 4.49 -17.85
N GLN B 236 1.93 4.10 -16.57
CA GLN B 236 0.67 4.03 -15.84
C GLN B 236 0.74 4.90 -14.58
N TYR B 237 -0.42 5.41 -14.16
CA TYR B 237 -0.59 5.92 -12.81
C TYR B 237 -1.07 4.75 -11.93
N THR B 238 -0.10 4.08 -11.32
CA THR B 238 -0.32 2.86 -10.53
C THR B 238 -1.34 2.95 -9.40
N ASN B 239 -1.52 4.15 -8.84
CA ASN B 239 -2.48 4.35 -7.75
C ASN B 239 -3.86 4.83 -8.22
N VAL B 240 -4.05 4.99 -9.52
CA VAL B 240 -5.37 5.27 -10.05
C VAL B 240 -6.01 3.93 -10.37
N VAL B 241 -7.15 3.65 -9.72
CA VAL B 241 -7.84 2.37 -9.90
C VAL B 241 -8.49 2.39 -11.28
N LYS B 242 -8.55 1.22 -11.92
CA LYS B 242 -9.08 1.12 -13.27
C LYS B 242 -10.40 0.33 -13.29
N ASP B 243 -11.25 0.65 -14.27
CA ASP B 243 -12.43 -0.15 -14.56
C ASP B 243 -12.01 -1.40 -15.36
N TYR B 244 -12.97 -2.27 -15.65
CA TYR B 244 -12.67 -3.55 -16.29
C TYR B 244 -11.98 -3.41 -17.65
N TRP B 245 -12.22 -2.29 -18.34
CA TRP B 245 -11.60 -2.06 -19.64
C TRP B 245 -10.26 -1.32 -19.55
N GLY B 246 -9.78 -1.04 -18.34
CA GLY B 246 -8.47 -0.39 -18.17
C GLY B 246 -8.50 1.13 -18.21
N ASN B 247 -9.69 1.71 -18.27
CA ASN B 247 -9.84 3.15 -18.15
C ASN B 247 -9.93 3.52 -16.69
N ASP B 248 -9.71 4.80 -16.39
CA ASP B 248 -9.71 5.29 -15.02
C ASP B 248 -11.07 5.09 -14.39
N LEU B 249 -11.10 4.48 -13.21
CA LEU B 249 -12.34 4.31 -12.46
C LEU B 249 -12.77 5.67 -11.90
N ARG B 250 -14.07 5.95 -11.94
CA ARG B 250 -14.58 7.29 -11.62
C ARG B 250 -15.74 7.24 -10.63
N TYR B 251 -15.83 8.27 -9.78
CA TYR B 251 -16.99 8.44 -8.90
C TYR B 251 -18.19 8.95 -9.70
N ASP B 252 -19.38 8.76 -9.14
CA ASP B 252 -20.63 9.28 -9.74
C ASP B 252 -20.92 8.74 -11.14
N LYS B 253 -20.57 7.48 -11.35
CA LYS B 253 -20.75 6.83 -12.64
C LYS B 253 -21.22 5.39 -12.49
N GLU B 254 -22.20 5.01 -13.30
CA GLU B 254 -22.86 3.71 -13.13
C GLU B 254 -21.96 2.58 -13.63
N TYR B 255 -21.79 1.58 -12.76
CA TYR B 255 -20.98 0.40 -13.08
C TYR B 255 -21.73 -0.87 -12.71
N TYR B 256 -21.38 -1.97 -13.37
CA TYR B 256 -21.73 -3.30 -12.91
C TYR B 256 -20.58 -3.82 -12.07
N MET B 257 -20.85 -4.10 -10.81
CA MET B 257 -19.83 -4.57 -9.88
C MET B 257 -19.84 -6.10 -9.88
N ILE B 258 -18.71 -6.68 -10.27
CA ILE B 258 -18.61 -8.13 -10.52
C ILE B 258 -17.38 -8.68 -9.81
N ASN B 259 -17.49 -9.90 -9.30
CA ASN B 259 -16.36 -10.58 -8.67
C ASN B 259 -15.63 -11.43 -9.69
N VAL B 260 -14.30 -11.39 -9.63
CA VAL B 260 -13.44 -12.13 -10.57
C VAL B 260 -13.67 -13.64 -10.63
N ASN B 261 -14.07 -14.24 -9.51
CA ASN B 261 -14.37 -15.67 -9.49
C ASN B 261 -15.70 -16.05 -10.13
N TYR B 262 -16.57 -15.06 -10.32
CA TYR B 262 -17.93 -15.29 -10.79
C TYR B 262 -18.33 -14.24 -11.83
N MET B 263 -17.57 -14.21 -12.91
CA MET B 263 -17.79 -13.25 -13.99
C MET B 263 -19.12 -13.48 -14.70
N ASN B 264 -19.63 -14.70 -14.64
CA ASN B 264 -20.91 -15.08 -15.26
C ASN B 264 -22.14 -14.78 -14.39
N ARG B 265 -21.97 -13.96 -13.36
CA ARG B 265 -23.04 -13.61 -12.43
C ARG B 265 -23.26 -12.12 -12.35
N TYR B 266 -24.53 -11.71 -12.26
CA TYR B 266 -24.88 -10.30 -12.10
C TYR B 266 -25.46 -10.07 -10.71
N MET B 267 -25.51 -8.80 -10.30
CA MET B 267 -25.99 -8.41 -8.99
C MET B 267 -27.51 -8.29 -8.95
N SER B 268 -28.11 -8.94 -7.96
CA SER B 268 -29.56 -8.87 -7.73
C SER B 268 -29.83 -8.68 -6.25
N LYS B 269 -31.09 -8.75 -5.85
CA LYS B 269 -31.46 -8.45 -4.47
C LYS B 269 -32.55 -9.39 -4.01
N LYS B 270 -32.45 -9.84 -2.77
CA LYS B 270 -33.54 -10.56 -2.11
C LYS B 270 -33.57 -10.13 -0.65
N GLY B 271 -34.68 -9.52 -0.24
CA GLY B 271 -34.78 -8.88 1.06
C GLY B 271 -33.72 -7.78 1.20
N ASN B 272 -33.06 -7.76 2.35
CA ASN B 272 -31.87 -6.92 2.61
C ASN B 272 -30.69 -7.26 1.73
N GLY B 273 -30.60 -8.51 1.36
CA GLY B 273 -29.37 -9.06 0.84
C GLY B 273 -29.12 -8.84 -0.64
N ILE B 274 -27.85 -8.66 -0.99
CA ILE B 274 -27.41 -8.69 -2.37
C ILE B 274 -27.11 -10.16 -2.67
N VAL B 275 -27.64 -10.64 -3.78
CA VAL B 275 -27.42 -12.01 -4.24
C VAL B 275 -26.98 -11.99 -5.69
N PHE B 276 -26.15 -12.96 -6.05
CA PHE B 276 -25.57 -13.02 -7.39
C PHE B 276 -26.24 -14.10 -8.22
N ASN B 277 -26.78 -13.70 -9.37
CA ASN B 277 -27.52 -14.60 -10.25
C ASN B 277 -26.77 -14.89 -11.54
N THR B 278 -27.03 -16.05 -12.12
CA THR B 278 -26.38 -16.47 -13.38
C THR B 278 -26.92 -15.65 -14.56
N ARG B 279 -26.00 -15.22 -15.42
CA ARG B 279 -26.35 -14.41 -16.59
C ARG B 279 -27.05 -15.22 -17.68
N LYS B 280 -28.07 -14.62 -18.27
CA LYS B 280 -28.70 -15.19 -19.45
C LYS B 280 -27.93 -14.81 -20.70
N ASN B 281 -27.48 -13.56 -20.76
CA ASN B 281 -26.68 -13.09 -21.89
C ASN B 281 -25.22 -13.05 -21.48
N ASN B 282 -24.47 -14.12 -21.68
CA ASN B 282 -23.07 -14.11 -21.23
C ASN B 282 -22.09 -13.51 -22.25
N ASN B 283 -22.59 -13.07 -23.40
CA ASN B 283 -21.76 -12.33 -24.36
C ASN B 283 -21.84 -10.80 -24.18
N ASP B 284 -22.56 -10.36 -23.15
CA ASP B 284 -22.67 -8.95 -22.80
C ASP B 284 -22.60 -8.76 -21.30
N PHE B 285 -22.51 -7.50 -20.89
CA PHE B 285 -22.78 -7.09 -19.52
C PHE B 285 -23.94 -6.09 -19.53
N ASN B 286 -25.15 -6.60 -19.35
CA ASN B 286 -26.33 -5.73 -19.35
C ASN B 286 -27.47 -6.25 -18.47
N GLU B 287 -27.12 -6.93 -17.38
CA GLU B 287 -28.09 -7.50 -16.47
C GLU B 287 -27.86 -7.05 -15.03
N GLY B 288 -28.93 -7.06 -14.27
CA GLY B 288 -28.86 -6.79 -12.85
C GLY B 288 -28.80 -5.32 -12.53
N TYR B 289 -28.59 -5.04 -11.24
CA TYR B 289 -28.57 -3.67 -10.76
C TYR B 289 -27.20 -3.03 -10.91
N LYS B 290 -27.19 -1.70 -10.98
CA LYS B 290 -25.99 -0.91 -11.17
C LYS B 290 -25.59 -0.22 -9.87
N ILE B 291 -24.29 -0.05 -9.67
CA ILE B 291 -23.81 0.71 -8.53
C ILE B 291 -23.12 1.99 -8.97
N ILE B 292 -23.15 2.99 -8.10
CA ILE B 292 -22.45 4.25 -8.30
C ILE B 292 -21.51 4.39 -7.13
N ILE B 293 -20.25 4.71 -7.40
CA ILE B 293 -19.25 4.83 -6.36
C ILE B 293 -19.22 6.27 -5.87
N LYS B 294 -19.28 6.45 -4.55
CA LYS B 294 -19.35 7.77 -3.93
C LYS B 294 -18.12 8.05 -3.05
N ARG B 295 -17.47 9.20 -3.28
CA ARG B 295 -16.27 9.57 -2.54
C ARG B 295 -16.57 10.08 -1.14
N ILE B 296 -15.78 9.61 -0.17
CA ILE B 296 -15.75 10.18 1.18
C ILE B 296 -14.41 10.88 1.43
N ARG B 297 -13.31 10.18 1.16
CA ARG B 297 -11.95 10.75 1.26
C ARG B 297 -11.21 10.54 -0.05
N GLY B 298 -10.61 11.61 -0.57
CA GLY B 298 -9.83 11.53 -1.80
C GLY B 298 -9.56 12.89 -2.39
N ASN B 299 -8.87 12.90 -3.53
CA ASN B 299 -8.48 14.15 -4.18
C ASN B 299 -9.69 14.78 -4.87
N THR B 300 -10.02 16.01 -4.47
CA THR B 300 -11.26 16.69 -4.91
C THR B 300 -11.10 17.50 -6.21
N ASN B 301 -9.90 17.54 -6.78
CA ASN B 301 -9.66 18.28 -8.03
C ASN B 301 -10.22 17.57 -9.27
N ASP B 302 -10.89 16.44 -9.04
CA ASP B 302 -10.86 15.37 -10.03
C ASP B 302 -11.83 14.28 -9.56
N THR B 303 -12.32 13.45 -10.48
CA THR B 303 -13.35 12.45 -10.17
C THR B 303 -12.79 11.01 -10.19
N ARG B 304 -11.49 10.87 -10.41
CA ARG B 304 -10.86 9.56 -10.47
C ARG B 304 -10.77 8.90 -9.11
N VAL B 305 -10.80 7.57 -9.10
CA VAL B 305 -10.74 6.80 -7.86
C VAL B 305 -9.31 6.33 -7.64
N ARG B 306 -8.82 6.49 -6.42
CA ARG B 306 -7.43 6.21 -6.10
C ARG B 306 -7.28 5.29 -4.91
N GLY B 307 -6.15 4.59 -4.87
CA GLY B 307 -5.84 3.71 -3.75
C GLY B 307 -5.80 4.50 -2.45
N GLU B 308 -6.30 3.88 -1.39
CA GLU B 308 -6.47 4.52 -0.07
C GLU B 308 -7.60 5.55 0.02
N ASN B 309 -8.27 5.86 -1.08
CA ASN B 309 -9.51 6.62 -0.97
C ASN B 309 -10.50 5.80 -0.17
N VAL B 310 -11.38 6.51 0.53
CA VAL B 310 -12.49 5.89 1.24
C VAL B 310 -13.77 6.27 0.53
N LEU B 311 -14.69 5.31 0.47
CA LEU B 311 -15.86 5.45 -0.37
C LEU B 311 -17.00 4.55 0.07
N TYR B 312 -18.16 4.75 -0.56
CA TYR B 312 -19.29 3.87 -0.38
C TYR B 312 -20.02 3.69 -1.71
N PHE B 313 -20.94 2.73 -1.76
CA PHE B 313 -21.62 2.38 -3.00
C PHE B 313 -23.13 2.61 -2.91
N ASN B 314 -23.68 3.35 -3.87
CA ASN B 314 -25.13 3.47 -4.02
C ASN B 314 -25.64 2.56 -5.12
N THR B 315 -26.89 2.14 -5.01
CA THR B 315 -27.56 1.41 -6.09
C THR B 315 -29.05 1.75 -6.08
N THR B 316 -29.64 1.84 -7.28
CA THR B 316 -31.05 2.20 -7.45
C THR B 316 -31.87 0.95 -7.81
N ILE B 317 -32.79 0.59 -6.92
CA ILE B 317 -33.62 -0.61 -7.09
C ILE B 317 -35.09 -0.19 -6.93
N ASP B 318 -35.91 -0.52 -7.94
CA ASP B 318 -37.33 -0.15 -7.94
C ASP B 318 -37.50 1.34 -7.63
N ASN B 319 -36.66 2.16 -8.27
CA ASN B 319 -36.68 3.62 -8.10
C ASN B 319 -36.26 4.19 -6.74
N LYS B 320 -35.95 3.32 -5.76
CA LYS B 320 -35.49 3.77 -4.45
C LYS B 320 -33.98 3.68 -4.46
N GLN B 321 -33.31 4.71 -3.94
CA GLN B 321 -31.85 4.67 -3.83
C GLN B 321 -31.42 4.04 -2.51
N TYR B 322 -30.72 2.91 -2.62
CA TYR B 322 -30.17 2.24 -1.46
C TYR B 322 -28.67 2.48 -1.45
N SER B 323 -28.03 2.04 -0.37
CA SER B 323 -26.59 1.97 -0.32
C SER B 323 -26.20 0.59 0.16
N LEU B 324 -24.97 0.18 -0.15
CA LEU B 324 -24.48 -1.12 0.31
C LEU B 324 -23.94 -1.00 1.72
N GLY B 325 -24.22 -2.02 2.53
CA GLY B 325 -23.82 -2.01 3.93
C GLY B 325 -24.03 -3.37 4.59
N MET B 326 -23.39 -3.58 5.73
CA MET B 326 -23.51 -4.83 6.45
C MET B 326 -24.90 -4.96 7.09
N TYR B 327 -25.34 -6.20 7.27
CA TYR B 327 -26.57 -6.47 7.97
C TYR B 327 -26.41 -7.79 8.71
N LYS B 328 -27.23 -7.97 9.74
CA LYS B 328 -27.21 -9.19 10.53
C LYS B 328 -27.97 -10.30 9.77
N PRO B 329 -27.30 -11.43 9.52
CA PRO B 329 -27.97 -12.53 8.84
C PRO B 329 -28.86 -13.32 9.78
N SER B 330 -29.76 -14.13 9.21
CA SER B 330 -30.67 -14.97 9.98
C SER B 330 -29.94 -15.96 10.89
N ARG B 331 -28.73 -16.35 10.53
CA ARG B 331 -27.88 -17.14 11.42
C ARG B 331 -26.42 -16.80 11.20
N ASN B 332 -25.57 -17.27 12.09
CA ASN B 332 -24.14 -17.18 11.87
C ASN B 332 -23.75 -17.96 10.63
N LEU B 333 -23.16 -17.27 9.66
CA LEU B 333 -22.71 -17.87 8.41
C LEU B 333 -21.33 -18.52 8.54
N GLY B 334 -20.65 -18.20 9.63
CA GLY B 334 -19.27 -18.65 9.85
C GLY B 334 -18.59 -17.61 10.72
N THR B 335 -17.48 -17.99 11.33
CA THR B 335 -16.76 -17.08 12.21
C THR B 335 -16.30 -15.88 11.39
N ASP B 336 -16.54 -14.68 11.93
CA ASP B 336 -16.06 -13.42 11.34
C ASP B 336 -16.68 -13.03 9.99
N LEU B 337 -17.79 -13.65 9.60
CA LEU B 337 -18.39 -13.37 8.30
C LEU B 337 -19.63 -12.52 8.47
N VAL B 338 -19.72 -11.43 7.72
CA VAL B 338 -20.89 -10.57 7.72
C VAL B 338 -21.29 -10.25 6.28
N PRO B 339 -22.54 -10.56 5.91
CA PRO B 339 -22.94 -10.34 4.53
C PRO B 339 -23.10 -8.86 4.21
N LEU B 340 -22.91 -8.51 2.95
CA LEU B 340 -23.14 -7.15 2.48
C LEU B 340 -24.46 -7.11 1.73
N GLY B 341 -25.28 -6.10 2.05
CA GLY B 341 -26.62 -5.99 1.49
C GLY B 341 -26.92 -4.62 0.92
N ALA B 342 -28.17 -4.42 0.51
CA ALA B 342 -28.63 -3.13 0.00
C ALA B 342 -29.66 -2.53 0.96
N LEU B 343 -29.26 -1.45 1.64
CA LEU B 343 -30.01 -0.90 2.76
C LEU B 343 -30.37 0.57 2.52
N ASP B 344 -31.52 0.97 3.07
CA ASP B 344 -31.93 2.36 3.10
C ASP B 344 -31.36 3.00 4.36
N GLN B 345 -30.08 3.30 4.33
CA GLN B 345 -29.37 3.69 5.54
C GLN B 345 -28.84 5.14 5.47
N PRO B 346 -28.99 5.90 6.56
CA PRO B 346 -28.47 7.28 6.62
C PRO B 346 -26.95 7.34 6.76
N MET B 347 -26.40 8.51 6.46
CA MET B 347 -24.95 8.81 6.46
C MET B 347 -24.14 8.14 7.58
N ASP B 348 -24.67 8.15 8.79
CA ASP B 348 -23.97 7.55 9.93
C ASP B 348 -23.87 6.04 9.83
N GLU B 349 -24.91 5.40 9.30
CA GLU B 349 -24.90 3.94 9.13
C GLU B 349 -23.90 3.55 8.04
N ILE B 350 -23.91 4.31 6.95
CA ILE B 350 -22.95 4.12 5.86
C ILE B 350 -21.54 4.21 6.42
N ARG B 351 -21.31 5.22 7.23
CA ARG B 351 -20.00 5.47 7.81
C ARG B 351 -19.52 4.33 8.69
N LYS B 352 -20.45 3.70 9.42
CA LYS B 352 -20.10 2.62 10.31
C LYS B 352 -20.17 1.22 9.67
N TYR B 353 -21.09 1.04 8.71
CA TYR B 353 -21.41 -0.29 8.18
C TYR B 353 -21.19 -0.49 6.67
N GLY B 354 -20.88 0.58 5.93
CA GLY B 354 -20.77 0.49 4.47
C GLY B 354 -19.71 1.37 3.82
N SER B 355 -18.69 1.77 4.57
CA SER B 355 -17.61 2.56 4.00
C SER B 355 -16.43 1.65 3.74
N PHE B 356 -15.74 1.88 2.62
CA PHE B 356 -14.67 1.00 2.21
C PHE B 356 -13.43 1.76 1.80
N ILE B 357 -12.29 1.10 1.96
CA ILE B 357 -11.00 1.58 1.50
C ILE B 357 -10.67 0.78 0.26
N ILE B 358 -10.39 1.47 -0.84
CA ILE B 358 -10.07 0.78 -2.09
C ILE B 358 -8.57 0.76 -2.35
N GLN B 359 -8.12 -0.34 -2.93
CA GLN B 359 -6.74 -0.48 -3.37
C GLN B 359 -6.78 -1.11 -4.75
N PRO B 360 -5.98 -0.60 -5.70
CA PRO B 360 -5.93 -1.26 -7.00
C PRO B 360 -5.34 -2.66 -6.92
N CYS B 361 -5.75 -3.53 -7.84
CA CYS B 361 -5.27 -4.89 -7.90
C CYS B 361 -5.29 -5.38 -9.35
N ASN B 362 -4.21 -5.11 -10.07
CA ASN B 362 -4.13 -5.43 -11.49
C ASN B 362 -3.31 -6.67 -11.76
N THR B 363 -3.88 -7.61 -12.51
CA THR B 363 -3.18 -8.82 -12.89
C THR B 363 -3.09 -8.84 -14.39
N PHE B 364 -2.37 -9.83 -14.90
CA PHE B 364 -2.33 -10.05 -16.35
C PHE B 364 -3.73 -10.12 -16.95
N ASP B 365 -4.63 -10.83 -16.28
CA ASP B 365 -5.94 -11.13 -16.82
C ASP B 365 -6.93 -9.99 -16.72
N TYR B 366 -6.86 -9.20 -15.65
CA TYR B 366 -7.89 -8.20 -15.41
C TYR B 366 -7.43 -6.99 -14.61
N TYR B 367 -8.14 -5.89 -14.82
CA TYR B 367 -8.03 -4.69 -14.01
C TYR B 367 -9.07 -4.78 -12.89
N ALA B 368 -8.60 -4.87 -11.65
CA ALA B 368 -9.50 -5.03 -10.51
C ALA B 368 -9.09 -4.18 -9.31
N SER B 369 -9.81 -4.38 -8.22
CA SER B 369 -9.53 -3.70 -6.96
C SER B 369 -9.79 -4.64 -5.78
N GLN B 370 -9.22 -4.30 -4.63
CA GLN B 370 -9.60 -4.92 -3.37
C GLN B 370 -10.29 -3.87 -2.52
N LEU B 371 -11.28 -4.31 -1.73
CA LEU B 371 -12.09 -3.43 -0.92
C LEU B 371 -12.07 -3.88 0.53
N PHE B 372 -11.52 -3.01 1.37
CA PHE B 372 -11.46 -3.26 2.81
C PHE B 372 -12.55 -2.46 3.51
N LEU B 373 -13.17 -3.09 4.50
CA LEU B 373 -14.14 -2.41 5.34
C LEU B 373 -13.42 -1.35 6.16
N SER B 374 -13.90 -0.12 6.06
CA SER B 374 -13.34 1.00 6.81
C SER B 374 -13.87 1.05 8.23
N SER B 375 -13.01 1.38 9.17
CA SER B 375 -13.46 1.77 10.52
C SER B 375 -13.88 3.24 10.49
N ASN B 376 -15.18 3.48 10.56
CA ASN B 376 -15.76 4.82 10.68
C ASN B 376 -15.34 5.82 9.60
N ALA B 377 -15.11 5.32 8.38
CA ALA B 377 -14.65 6.14 7.25
C ALA B 377 -13.19 6.64 7.37
N THR B 378 -12.40 5.95 8.19
CA THR B 378 -10.96 6.19 8.27
C THR B 378 -10.25 5.17 7.39
N THR B 379 -8.94 5.33 7.23
CA THR B 379 -8.16 4.39 6.44
C THR B 379 -7.69 3.21 7.29
N ASN B 380 -8.37 2.98 8.40
CA ASN B 380 -8.13 1.82 9.25
C ASN B 380 -9.03 0.65 8.83
N ARG B 381 -8.40 -0.46 8.45
CA ARG B 381 -9.10 -1.59 7.84
C ARG B 381 -9.57 -2.60 8.88
N LEU B 382 -10.87 -2.92 8.86
CA LEU B 382 -11.47 -3.88 9.78
C LEU B 382 -11.71 -5.26 9.17
N GLY B 383 -11.80 -5.32 7.85
CA GLY B 383 -12.08 -6.57 7.15
C GLY B 383 -11.92 -6.42 5.66
N ILE B 384 -12.11 -7.52 4.93
CA ILE B 384 -11.99 -7.52 3.48
C ILE B 384 -13.27 -8.06 2.81
N LEU B 385 -13.65 -7.44 1.70
CA LEU B 385 -14.84 -7.86 0.97
C LEU B 385 -14.52 -9.04 0.05
N SER B 386 -15.17 -10.17 0.32
CA SER B 386 -14.99 -11.39 -0.47
C SER B 386 -16.36 -11.83 -1.03
N ILE B 387 -16.46 -13.10 -1.39
CA ILE B 387 -17.71 -13.64 -1.93
C ILE B 387 -17.82 -15.12 -1.57
N GLY B 388 -19.04 -15.60 -1.42
CA GLY B 388 -19.22 -17.01 -1.14
C GLY B 388 -20.66 -17.49 -1.13
N SER B 389 -20.79 -18.80 -1.18
CA SER B 389 -22.09 -19.46 -1.14
C SER B 389 -22.42 -19.87 0.29
N TYR B 390 -23.50 -19.31 0.82
CA TYR B 390 -23.93 -19.59 2.20
C TYR B 390 -25.40 -19.91 2.21
N SER B 391 -25.80 -20.71 3.19
CA SER B 391 -27.16 -21.21 3.29
C SER B 391 -27.82 -20.51 4.48
N PHE B 392 -28.76 -19.64 4.18
CA PHE B 392 -29.49 -18.88 5.21
C PHE B 392 -30.80 -18.34 4.65
N LYS B 393 -31.45 -17.41 5.36
CA LYS B 393 -32.77 -16.94 4.98
C LYS B 393 -32.77 -15.47 4.58
N LEU B 394 -33.26 -15.19 3.37
CA LEU B 394 -33.47 -13.82 2.92
C LEU B 394 -34.89 -13.60 2.45
N GLY B 395 -35.33 -12.36 2.49
CA GLY B 395 -36.63 -11.97 1.96
C GLY B 395 -37.76 -12.68 2.68
N ASP B 396 -38.57 -13.42 1.94
CA ASP B 396 -39.70 -14.16 2.52
C ASP B 396 -39.37 -15.63 2.86
N ASP B 397 -38.10 -16.02 2.84
CA ASP B 397 -37.68 -17.31 3.40
C ASP B 397 -38.17 -17.39 4.83
N TYR B 398 -38.68 -18.53 5.27
CA TYR B 398 -39.18 -18.60 6.63
C TYR B 398 -38.70 -19.82 7.38
N TRP B 399 -39.13 -21.01 6.98
CA TRP B 399 -38.80 -22.19 7.76
C TRP B 399 -37.37 -22.71 7.50
N PHE B 400 -36.91 -22.65 6.24
CA PHE B 400 -35.67 -23.31 5.87
C PHE B 400 -34.68 -22.39 5.17
N ASN B 401 -33.42 -22.76 5.32
CA ASN B 401 -32.30 -22.03 4.75
C ASN B 401 -32.11 -22.39 3.29
N HIS B 402 -31.64 -21.45 2.49
CA HIS B 402 -31.42 -21.66 1.06
C HIS B 402 -30.05 -21.14 0.69
N GLU B 403 -29.46 -21.71 -0.36
CA GLU B 403 -28.13 -21.31 -0.80
C GLU B 403 -28.16 -20.00 -1.61
N TYR B 404 -27.36 -19.04 -1.18
CA TYR B 404 -27.21 -17.77 -1.87
C TYR B 404 -25.72 -17.48 -2.08
N LEU B 405 -25.38 -17.01 -3.27
CA LEU B 405 -24.06 -16.50 -3.56
C LEU B 405 -24.12 -15.01 -3.22
N ILE B 406 -23.31 -14.60 -2.25
CA ILE B 406 -23.41 -13.25 -1.71
C ILE B 406 -22.05 -12.60 -1.52
N PRO B 407 -22.01 -11.25 -1.58
CA PRO B 407 -20.81 -10.56 -1.15
C PRO B 407 -20.75 -10.60 0.36
N VAL B 408 -19.57 -10.93 0.90
CA VAL B 408 -19.44 -11.18 2.33
C VAL B 408 -18.13 -10.58 2.85
N ILE B 409 -18.19 -9.95 4.02
CA ILE B 409 -17.02 -9.31 4.62
C ILE B 409 -16.44 -10.23 5.68
N LYS B 410 -15.15 -10.49 5.56
CA LYS B 410 -14.41 -11.28 6.53
C LYS B 410 -13.73 -10.28 7.47
N ILE B 411 -14.20 -10.24 8.72
CA ILE B 411 -13.74 -9.27 9.71
C ILE B 411 -12.49 -9.76 10.45
N GLU B 412 -11.56 -8.86 10.69
CA GLU B 412 -10.41 -9.08 11.57
C GLU B 412 -9.40 -10.15 11.15
N HIS B 413 -9.83 -11.39 11.06
CA HIS B 413 -8.94 -12.48 10.69
C HIS B 413 -9.03 -12.76 9.21
N TYR B 414 -8.51 -11.85 8.40
CA TYR B 414 -8.65 -11.97 6.95
C TYR B 414 -7.31 -12.09 6.22
N ALA B 415 -6.26 -12.42 6.96
CA ALA B 415 -4.91 -12.49 6.41
C ALA B 415 -4.79 -13.50 5.28
N SER B 416 -5.41 -14.66 5.44
CA SER B 416 -5.37 -15.72 4.43
C SER B 416 -6.12 -15.38 3.13
N LEU B 417 -7.07 -14.44 3.18
CA LEU B 417 -7.78 -13.97 1.98
C LEU B 417 -7.07 -12.88 1.18
N LEU B 418 -6.02 -12.27 1.72
CA LEU B 418 -5.32 -11.17 1.03
C LEU B 418 -4.85 -11.53 -0.37
N GLU B 419 -4.39 -12.75 -0.54
CA GLU B 419 -3.94 -13.22 -1.86
C GLU B 419 -5.03 -13.96 -2.62
N SER B 420 -6.20 -14.11 -2.00
CA SER B 420 -7.31 -14.82 -2.61
C SER B 420 -8.00 -13.99 -3.68
N THR B 421 -8.27 -14.66 -4.79
CA THR B 421 -8.78 -14.02 -5.97
C THR B 421 -10.28 -13.65 -5.79
N SER B 422 -10.92 -14.26 -4.78
CA SER B 422 -12.28 -13.94 -4.38
C SER B 422 -12.46 -12.53 -3.80
N THR B 423 -11.35 -11.85 -3.52
CA THR B 423 -11.39 -10.48 -3.05
C THR B 423 -11.08 -9.47 -4.15
N HIS B 424 -11.06 -9.92 -5.40
CA HIS B 424 -10.77 -9.06 -6.55
C HIS B 424 -12.08 -8.65 -7.24
N TRP B 425 -12.41 -7.37 -7.16
CA TRP B 425 -13.65 -6.84 -7.70
C TRP B 425 -13.39 -5.95 -8.90
N VAL B 426 -14.20 -6.09 -9.94
CA VAL B 426 -14.08 -5.28 -11.15
C VAL B 426 -15.34 -4.45 -11.38
N PHE B 427 -15.19 -3.37 -12.13
CA PHE B 427 -16.29 -2.46 -12.39
C PHE B 427 -16.43 -2.21 -13.89
N VAL B 428 -17.52 -2.72 -14.47
CA VAL B 428 -17.79 -2.56 -15.91
C VAL B 428 -18.77 -1.40 -16.14
N PRO B 429 -18.37 -0.39 -16.93
CA PRO B 429 -19.28 0.74 -17.19
C PRO B 429 -20.62 0.25 -17.72
N ALA B 430 -21.71 0.79 -17.17
CA ALA B 430 -23.07 0.40 -17.55
C ALA B 430 -23.82 1.53 -18.26
N SER B 431 -23.11 2.59 -18.66
CA SER B 431 -23.72 3.77 -19.31
C SER B 431 -25.11 4.12 -18.76
#